data_3BHT
#
_entry.id   3BHT
#
_cell.length_a   74.128
_cell.length_b   133.770
_cell.length_c   147.831
_cell.angle_alpha   90.000
_cell.angle_beta   90.000
_cell.angle_gamma   90.000
#
_symmetry.space_group_name_H-M   'P 21 21 21'
#
loop_
_entity.id
_entity.type
_entity.pdbx_description
1 polymer 'Cell division protein kinase 2'
2 polymer Cyclin-A2
3 non-polymer 4-(4-methoxy-1H-pyrrolo[2,3-b]pyridin-3-yl)pyrimidin-2-amine
4 non-polymer 'MAGNESIUM ION'
5 non-polymer MONOTHIOGLYCEROL
6 water water
#
loop_
_entity_poly.entity_id
_entity_poly.type
_entity_poly.pdbx_seq_one_letter_code
_entity_poly.pdbx_strand_id
1 'polypeptide(L)'
;GSMENFQKVEKIGEGTYGVVYKARNKLTGEVVALKKIRLDTETEGVPSTAIREISLLKELNHPNIVKLLDVIHTENKLYL
VFEFLHQDLKKFMDASALTGIPLPLIKSYLFQLLQGLAFCHSHRVLHRDLKPQNLLINTEGAIKLADFGLARAFGVPVRT
Y(TPO)HEVVTLWYRAPEILLGCKYYSTAVDIWSLGCIFAEMVTRRALFPGDSEIDQLFRIFRTLGTPDEVVWPGVTSMP
DYKPSFPKWARQDFSKVVPPLDEDGRSLLSQMLHYDPNKRISAKAALAHPFFQDVTKPVPHLRL
;
A,C
2 'polypeptide(L)'
;SVNEVPDYHEDIHTYLREMEVKCKPKVGYMKKQPDITNSMRAILVDWLVEVGEEYKLQNETLHLAVNYIDRFLSSMSVLR
GKLQLVGTAAMLLASKFEEIYPPEVAEFVYITDDTYTKKQVLRMEHLVLKVLAFDLAAPTINQFLTQYFLHQQPANCKVE
SLAMFLGELSLIDADPYLKYLPSVIAAAAFHLALYTVTGQSWPESLVQKTGYTLETLKPCLLDLHQTYLRAPQHAQQSIR
EKYKNSKYHGVSLLNPPETLNV
;
B,D
#
loop_
_chem_comp.id
_chem_comp.type
_chem_comp.name
_chem_comp.formula
MFR non-polymer 4-(4-methoxy-1H-pyrrolo[2,3-b]pyridin-3-yl)pyrimidin-2-amine 'C12 H11 N5 O'
MG non-polymer 'MAGNESIUM ION' 'Mg 2'
SGM non-polymer MONOTHIOGLYCEROL 'C3 H8 O2 S'
#
# COMPACT_ATOMS: atom_id res chain seq x y z
N GLY A 1 9.32 -10.73 1.47
CA GLY A 1 10.20 -11.79 0.96
C GLY A 1 9.52 -12.76 0.00
N SER A 2 9.54 -14.04 0.34
CA SER A 2 10.17 -14.56 1.54
C SER A 2 10.67 -15.95 1.13
N MET A 3 10.63 -16.91 2.02
CA MET A 3 11.04 -18.30 1.71
C MET A 3 12.21 -18.94 2.37
N GLU A 4 13.33 -18.25 2.42
CA GLU A 4 14.48 -18.78 3.08
C GLU A 4 14.28 -18.69 4.60
N ASN A 5 13.29 -17.93 5.04
CA ASN A 5 13.01 -17.82 6.45
C ASN A 5 12.05 -18.86 6.99
N PHE A 6 11.49 -19.68 6.14
CA PHE A 6 10.53 -20.69 6.57
C PHE A 6 11.12 -22.10 6.68
N GLN A 7 10.94 -22.71 7.85
CA GLN A 7 11.25 -24.10 8.05
C GLN A 7 9.97 -24.94 7.97
N LYS A 8 9.83 -25.73 6.91
CA LYS A 8 8.70 -26.63 6.75
C LYS A 8 8.70 -27.68 7.86
N VAL A 9 7.53 -27.92 8.44
CA VAL A 9 7.39 -28.81 9.58
C VAL A 9 6.80 -30.15 9.13
N GLU A 10 5.64 -30.09 8.46
CA GLU A 10 4.93 -31.29 7.98
C GLU A 10 3.84 -30.89 6.97
N LYS A 11 3.36 -31.86 6.20
CA LYS A 11 2.18 -31.68 5.36
C LYS A 11 0.93 -31.71 6.24
N ILE A 12 0.00 -30.79 6.00
CA ILE A 12 -1.21 -30.69 6.83
C ILE A 12 -2.51 -30.68 6.03
N GLY A 13 -2.41 -30.69 4.72
CA GLY A 13 -3.60 -30.61 3.89
C GLY A 13 -3.30 -30.80 2.42
N GLU A 14 -4.34 -31.02 1.65
CA GLU A 14 -4.23 -31.20 0.21
C GLU A 14 -5.56 -30.86 -0.42
N GLY A 15 -5.50 -30.40 -1.66
CA GLY A 15 -6.67 -30.14 -2.48
C GLY A 15 -6.18 -30.06 -3.91
N THR A 16 -6.99 -29.53 -4.79
CA THR A 16 -6.56 -29.33 -6.18
C THR A 16 -6.97 -27.93 -6.57
N TYR A 17 -6.56 -26.87 -5.85
CA TYR A 17 -5.17 -26.48 -5.53
C TYR A 17 -3.90 -27.21 -6.12
N GLY A 18 -2.93 -27.72 -5.32
CA GLY A 18 -2.82 -27.52 -3.89
C GLY A 18 -2.25 -28.60 -2.98
N VAL A 19 -1.20 -28.24 -2.26
CA VAL A 19 -0.80 -28.92 -1.02
C VAL A 19 -0.53 -27.86 0.05
N VAL A 20 -0.83 -28.17 1.31
CA VAL A 20 -0.62 -27.25 2.43
C VAL A 20 0.38 -27.84 3.42
N TYR A 21 1.37 -27.02 3.78
CA TYR A 21 2.37 -27.39 4.76
C TYR A 21 2.28 -26.50 5.99
N LYS A 22 2.60 -27.07 7.14
CA LYS A 22 2.87 -26.27 8.33
C LYS A 22 4.34 -25.88 8.27
N ALA A 23 4.62 -24.60 8.53
CA ALA A 23 5.99 -24.12 8.53
C ALA A 23 6.17 -23.15 9.68
N ARG A 24 7.42 -22.89 10.06
CA ARG A 24 7.68 -21.83 11.02
CA ARG A 24 7.73 -21.85 11.04
C ARG A 24 8.66 -20.79 10.47
N ASN A 25 8.34 -19.53 10.73
CA ASN A 25 9.25 -18.41 10.46
C ASN A 25 10.42 -18.58 11.42
N LYS A 26 11.61 -18.81 10.90
CA LYS A 26 12.80 -19.00 11.74
C LYS A 26 13.21 -17.76 12.55
N LEU A 27 12.78 -16.60 12.11
CA LEU A 27 13.21 -15.33 12.74
C LEU A 27 12.23 -14.77 13.77
N THR A 28 10.93 -14.89 13.49
CA THR A 28 9.88 -14.36 14.38
C THR A 28 9.24 -15.46 15.23
N GLY A 29 9.40 -16.71 14.80
CA GLY A 29 8.78 -17.87 15.46
C GLY A 29 7.37 -18.17 14.98
N GLU A 30 6.81 -17.28 14.18
CA GLU A 30 5.43 -17.44 13.77
C GLU A 30 5.24 -18.75 13.03
N VAL A 31 4.19 -19.49 13.40
CA VAL A 31 3.79 -20.71 12.74
C VAL A 31 2.77 -20.34 11.66
N VAL A 32 2.99 -20.86 10.45
CA VAL A 32 2.16 -20.50 9.30
C VAL A 32 1.73 -21.75 8.54
N ALA A 33 0.69 -21.60 7.72
CA ALA A 33 0.37 -22.60 6.72
C ALA A 33 0.81 -22.08 5.35
N LEU A 34 1.56 -22.91 4.63
CA LEU A 34 2.00 -22.60 3.27
C LEU A 34 1.14 -23.37 2.29
N LYS A 35 0.30 -22.64 1.55
CA LYS A 35 -0.49 -23.23 0.49
C LYS A 35 0.30 -23.08 -0.81
N LYS A 36 0.75 -24.21 -1.35
CA LYS A 36 1.55 -24.21 -2.56
C LYS A 36 0.66 -24.44 -3.77
N ILE A 37 0.77 -23.54 -4.75
CA ILE A 37 0.01 -23.62 -5.99
C ILE A 37 0.98 -23.83 -7.15
N ARG A 38 0.91 -25.02 -7.76
CA ARG A 38 1.77 -25.38 -8.88
C ARG A 38 1.38 -24.63 -10.15
N LEU A 39 2.38 -24.12 -10.87
CA LEU A 39 2.14 -23.26 -12.02
C LEU A 39 2.48 -23.95 -13.35
N ASP A 40 1.63 -23.70 -14.35
CA ASP A 40 1.76 -24.28 -15.70
C ASP A 40 1.63 -25.80 -15.69
N THR A 43 -0.40 -25.26 -18.09
CA THR A 43 0.11 -24.53 -19.26
C THR A 43 -0.83 -23.37 -19.64
N GLU A 44 -1.58 -22.89 -18.65
CA GLU A 44 -2.47 -21.76 -18.82
C GLU A 44 -2.11 -20.60 -17.90
N GLY A 45 -0.88 -20.61 -17.38
CA GLY A 45 -0.40 -19.59 -16.45
C GLY A 45 -1.01 -19.68 -15.05
N VAL A 46 -1.23 -18.54 -14.40
CA VAL A 46 -1.76 -18.54 -13.04
C VAL A 46 -3.26 -18.90 -13.02
N PRO A 47 -3.64 -19.96 -12.28
CA PRO A 47 -5.02 -20.43 -12.19
C PRO A 47 -5.97 -19.32 -11.73
N SER A 48 -7.14 -19.26 -12.34
CA SER A 48 -8.15 -18.28 -11.94
C SER A 48 -8.57 -18.46 -10.48
N THR A 49 -8.58 -19.71 -10.01
CA THR A 49 -8.88 -19.97 -8.60
C THR A 49 -7.85 -19.27 -7.69
N ALA A 50 -6.58 -19.31 -8.06
CA ALA A 50 -5.55 -18.64 -7.25
C ALA A 50 -5.65 -17.11 -7.35
N ILE A 51 -5.92 -16.62 -8.56
CA ILE A 51 -6.09 -15.17 -8.80
C ILE A 51 -7.23 -14.60 -7.95
N ARG A 52 -8.36 -15.31 -7.96
CA ARG A 52 -9.51 -14.92 -7.14
C ARG A 52 -9.21 -15.06 -5.65
N GLU A 53 -8.61 -16.18 -5.23
CA GLU A 53 -8.36 -16.36 -3.79
C GLU A 53 -7.47 -15.25 -3.23
N ILE A 54 -6.37 -14.96 -3.92
CA ILE A 54 -5.40 -13.99 -3.45
C ILE A 54 -6.00 -12.58 -3.45
N SER A 55 -6.60 -12.17 -4.57
CA SER A 55 -7.11 -10.80 -4.66
C SER A 55 -8.16 -10.53 -3.59
N LEU A 56 -9.04 -11.49 -3.37
CA LEU A 56 -10.08 -11.39 -2.40
C LEU A 56 -9.64 -11.46 -0.95
N LEU A 57 -8.77 -12.40 -0.64
CA LEU A 57 -8.26 -12.53 0.70
C LEU A 57 -7.36 -11.38 1.15
N LYS A 58 -6.75 -10.69 0.20
CA LYS A 58 -5.94 -9.53 0.44
C LYS A 58 -6.80 -8.38 0.95
N GLU A 59 -8.01 -8.29 0.43
CA GLU A 59 -9.02 -7.30 0.83
C GLU A 59 -9.70 -7.61 2.17
N LEU A 60 -9.89 -8.89 2.46
CA LEU A 60 -10.76 -9.32 3.56
C LEU A 60 -9.99 -9.54 4.86
N ASN A 61 -9.92 -8.52 5.70
CA ASN A 61 -9.26 -8.67 7.00
CA ASN A 61 -9.28 -8.70 6.99
C ASN A 61 -10.32 -8.68 8.09
N HIS A 62 -10.50 -9.84 8.72
CA HIS A 62 -11.53 -10.02 9.70
C HIS A 62 -11.10 -11.20 10.58
N PRO A 63 -11.40 -11.13 11.88
CA PRO A 63 -11.05 -12.18 12.84
C PRO A 63 -11.56 -13.57 12.48
N ASN A 64 -12.63 -13.66 11.68
CA ASN A 64 -13.25 -14.96 11.37
C ASN A 64 -13.06 -15.36 9.90
N ILE A 65 -12.06 -14.78 9.30
CA ILE A 65 -11.64 -15.03 7.97
C ILE A 65 -10.14 -15.30 8.00
N VAL A 66 -9.74 -16.45 7.50
CA VAL A 66 -8.36 -16.83 7.48
C VAL A 66 -7.48 -15.71 6.92
N LYS A 67 -6.41 -15.40 7.62
CA LYS A 67 -5.50 -14.35 7.24
C LYS A 67 -4.40 -14.68 6.28
N LEU A 68 -4.45 -14.06 5.14
CA LEU A 68 -3.39 -14.20 4.16
C LEU A 68 -2.25 -13.26 4.52
N LEU A 69 -1.09 -13.82 4.85
CA LEU A 69 0.03 -13.02 5.37
C LEU A 69 0.98 -12.50 4.30
N ASP A 70 1.14 -13.27 3.22
CA ASP A 70 2.14 -12.98 2.22
C ASP A 70 1.87 -13.85 1.01
N VAL A 71 2.37 -13.42 -0.14
CA VAL A 71 2.34 -14.20 -1.36
C VAL A 71 3.76 -14.29 -1.89
N ILE A 72 4.26 -15.51 -2.04
CA ILE A 72 5.59 -15.74 -2.57
C ILE A 72 5.43 -16.23 -4.00
N HIS A 73 5.71 -15.32 -4.92
CA HIS A 73 5.37 -15.48 -6.33
C HIS A 73 6.65 -15.52 -7.13
N THR A 74 6.93 -16.67 -7.72
CA THR A 74 8.16 -16.88 -8.46
C THR A 74 7.85 -17.54 -9.82
N GLU A 75 8.89 -17.91 -10.57
CA GLU A 75 8.71 -18.46 -11.92
C GLU A 75 7.81 -19.71 -11.99
N ASN A 76 8.17 -20.75 -11.22
CA ASN A 76 7.44 -22.01 -11.25
C ASN A 76 6.51 -22.29 -10.06
N LYS A 77 6.69 -21.54 -8.97
CA LYS A 77 5.89 -21.74 -7.76
C LYS A 77 5.15 -20.49 -7.25
N LEU A 78 3.96 -20.72 -6.72
CA LEU A 78 3.20 -19.73 -6.00
C LEU A 78 2.87 -20.31 -4.63
N TYR A 79 3.32 -19.62 -3.58
CA TYR A 79 3.00 -19.96 -2.20
C TYR A 79 2.18 -18.84 -1.57
N LEU A 80 1.03 -19.20 -1.00
CA LEU A 80 0.27 -18.29 -0.15
C LEU A 80 0.63 -18.60 1.30
N VAL A 81 1.04 -17.58 2.04
CA VAL A 81 1.40 -17.73 3.44
C VAL A 81 0.21 -17.30 4.30
N PHE A 82 -0.39 -18.26 5.00
CA PHE A 82 -1.53 -18.01 5.87
C PHE A 82 -1.18 -18.18 7.35
N GLU A 83 -1.95 -17.56 8.23
CA GLU A 83 -1.93 -17.93 9.64
C GLU A 83 -2.25 -19.43 9.79
N PHE A 84 -1.58 -20.09 10.72
CA PHE A 84 -1.83 -21.50 10.99
C PHE A 84 -3.01 -21.70 11.95
N LEU A 85 -3.90 -22.65 11.63
CA LEU A 85 -4.94 -23.06 12.56
C LEU A 85 -4.87 -24.58 12.79
N HIS A 86 -5.18 -25.01 14.01
CA HIS A 86 -4.82 -26.36 14.48
C HIS A 86 -5.64 -27.48 13.89
N GLN A 87 -6.89 -27.19 13.54
CA GLN A 87 -7.79 -28.24 13.08
C GLN A 87 -8.90 -27.69 12.20
N ASP A 88 -9.58 -28.55 11.46
CA ASP A 88 -10.81 -28.15 10.79
C ASP A 88 -12.03 -28.66 11.55
N LEU A 89 -13.18 -28.05 11.29
CA LEU A 89 -14.41 -28.41 12.00
C LEU A 89 -14.84 -29.86 11.78
N LYS A 90 -14.59 -30.40 10.59
CA LYS A 90 -14.93 -31.78 10.33
C LYS A 90 -14.17 -32.74 11.26
N LYS A 91 -12.86 -32.55 11.38
CA LYS A 91 -12.05 -33.37 12.28
C LYS A 91 -12.46 -33.21 13.74
N PHE A 92 -12.81 -31.98 14.11
CA PHE A 92 -13.30 -31.69 15.45
C PHE A 92 -14.63 -32.42 15.75
N MET A 93 -15.56 -32.41 14.80
CA MET A 93 -16.82 -33.15 14.94
C MET A 93 -16.60 -34.64 15.14
N ASP A 94 -15.65 -35.19 14.39
CA ASP A 94 -15.24 -36.59 14.50
C ASP A 94 -14.64 -36.90 15.87
N ALA A 95 -13.77 -36.02 16.37
CA ALA A 95 -13.15 -36.18 17.69
C ALA A 95 -14.18 -36.05 18.83
N SER A 96 -15.27 -35.33 18.58
CA SER A 96 -16.34 -35.10 19.55
C SER A 96 -17.46 -36.15 19.55
N ALA A 97 -17.21 -37.33 18.97
CA ALA A 97 -18.15 -38.45 19.09
C ALA A 97 -18.20 -38.87 20.55
N LEU A 98 -19.38 -39.24 21.01
CA LEU A 98 -19.60 -39.77 22.37
C LEU A 98 -20.03 -38.71 23.40
N THR A 99 -19.62 -37.48 23.17
CA THR A 99 -19.98 -36.38 24.05
C THR A 99 -20.80 -35.37 23.26
N GLY A 100 -20.50 -35.29 21.97
CA GLY A 100 -21.01 -34.20 21.15
C GLY A 100 -20.22 -32.93 21.44
N ILE A 101 -20.56 -31.87 20.74
CA ILE A 101 -19.94 -30.58 20.96
C ILE A 101 -20.82 -29.81 21.95
N PRO A 102 -20.25 -29.31 23.06
CA PRO A 102 -21.07 -28.54 24.01
C PRO A 102 -21.82 -27.41 23.29
N LEU A 103 -23.06 -27.17 23.70
CA LEU A 103 -23.89 -26.09 23.13
C LEU A 103 -23.15 -24.74 23.10
N PRO A 104 -22.52 -24.32 24.23
CA PRO A 104 -21.86 -23.00 24.19
C PRO A 104 -20.84 -22.86 23.05
N LEU A 105 -20.17 -23.95 22.71
CA LEU A 105 -19.22 -23.99 21.60
C LEU A 105 -19.88 -23.99 20.21
N ILE A 106 -20.95 -24.78 20.04
CA ILE A 106 -21.75 -24.74 18.79
C ILE A 106 -22.26 -23.30 18.55
N LYS A 107 -22.76 -22.68 19.61
CA LYS A 107 -23.34 -21.35 19.54
C LYS A 107 -22.25 -20.29 19.24
N SER A 108 -21.10 -20.42 19.91
CA SER A 108 -19.96 -19.53 19.65
C SER A 108 -19.44 -19.67 18.21
N TYR A 109 -19.29 -20.92 17.77
CA TYR A 109 -18.85 -21.17 16.40
C TYR A 109 -19.83 -20.62 15.35
N LEU A 110 -21.12 -20.89 15.51
CA LEU A 110 -22.10 -20.33 14.54
C LEU A 110 -22.09 -18.80 14.50
N PHE A 111 -22.01 -18.18 15.67
CA PHE A 111 -22.00 -16.73 15.79
C PHE A 111 -20.80 -16.16 15.03
N GLN A 112 -19.64 -16.79 15.24
CA GLN A 112 -18.41 -16.41 14.54
C GLN A 112 -18.46 -16.63 13.03
N LEU A 113 -19.05 -17.75 12.60
CA LEU A 113 -19.23 -18.06 11.18
C LEU A 113 -20.10 -16.99 10.51
N LEU A 114 -21.18 -16.62 11.19
CA LEU A 114 -22.07 -15.57 10.67
C LEU A 114 -21.36 -14.21 10.59
N GLN A 115 -20.49 -13.90 11.55
CA GLN A 115 -19.75 -12.65 11.53
C GLN A 115 -18.83 -12.63 10.31
N GLY A 116 -18.08 -13.72 10.14
CA GLY A 116 -17.14 -13.89 9.00
C GLY A 116 -17.88 -13.79 7.66
N LEU A 117 -19.01 -14.47 7.57
CA LEU A 117 -19.83 -14.44 6.36
C LEU A 117 -20.46 -13.07 6.05
N ALA A 118 -21.00 -12.41 7.07
CA ALA A 118 -21.61 -11.10 6.89
C ALA A 118 -20.54 -10.14 6.35
N PHE A 119 -19.31 -10.28 6.87
CA PHE A 119 -18.18 -9.47 6.41
C PHE A 119 -17.88 -9.74 4.92
N CYS A 120 -17.83 -11.00 4.50
CA CYS A 120 -17.68 -11.33 3.06
C CYS A 120 -18.76 -10.64 2.24
N HIS A 121 -20.01 -10.89 2.62
CA HIS A 121 -21.15 -10.34 1.87
C HIS A 121 -21.16 -8.81 1.80
N SER A 122 -20.75 -8.17 2.91
CA SER A 122 -20.64 -6.71 2.93
C SER A 122 -19.52 -6.19 2.03
N HIS A 123 -18.61 -7.07 1.63
CA HIS A 123 -17.49 -6.73 0.77
C HIS A 123 -17.67 -7.42 -0.57
N ARG A 124 -18.92 -7.67 -0.94
CA ARG A 124 -19.33 -8.27 -2.24
C ARG A 124 -18.60 -9.56 -2.62
N VAL A 125 -18.37 -10.44 -1.65
CA VAL A 125 -17.74 -11.74 -1.91
C VAL A 125 -18.69 -12.87 -1.54
N LEU A 126 -18.98 -13.76 -2.49
CA LEU A 126 -19.60 -15.04 -2.16
C LEU A 126 -18.52 -16.10 -1.89
N HIS A 127 -18.67 -16.88 -0.83
CA HIS A 127 -17.69 -17.96 -0.58
C HIS A 127 -17.89 -19.18 -1.48
N ARG A 128 -19.11 -19.72 -1.50
CA ARG A 128 -19.51 -20.79 -2.43
C ARG A 128 -18.95 -22.18 -2.14
N ASP A 129 -18.32 -22.37 -0.99
CA ASP A 129 -17.95 -23.74 -0.61
C ASP A 129 -17.78 -23.90 0.89
N LEU A 130 -18.81 -23.46 1.61
CA LEU A 130 -18.84 -23.54 3.07
C LEU A 130 -19.24 -24.95 3.45
N LYS A 131 -18.28 -25.65 4.02
CA LYS A 131 -18.42 -27.04 4.44
C LYS A 131 -17.42 -27.15 5.59
N PRO A 132 -17.64 -28.12 6.49
CA PRO A 132 -16.87 -28.19 7.73
C PRO A 132 -15.36 -28.29 7.49
N GLN A 133 -14.97 -28.94 6.39
CA GLN A 133 -13.55 -29.09 6.00
C GLN A 133 -12.86 -27.73 5.74
N ASN A 134 -13.63 -26.73 5.33
CA ASN A 134 -13.11 -25.37 5.04
C ASN A 134 -13.29 -24.36 6.20
N LEU A 135 -13.57 -24.88 7.38
CA LEU A 135 -13.82 -24.02 8.54
C LEU A 135 -12.76 -24.41 9.58
N LEU A 136 -11.85 -23.51 9.87
CA LEU A 136 -10.66 -23.86 10.67
C LEU A 136 -10.79 -23.35 12.09
N ILE A 137 -10.31 -24.12 13.06
CA ILE A 137 -10.40 -23.75 14.48
C ILE A 137 -9.03 -23.69 15.13
N ASN A 138 -8.89 -22.80 16.10
CA ASN A 138 -7.66 -22.72 16.88
C ASN A 138 -7.90 -23.09 18.34
N THR A 139 -6.83 -23.12 19.14
CA THR A 139 -6.96 -23.56 20.52
C THR A 139 -7.57 -22.49 21.44
N GLU A 140 -7.72 -21.26 20.95
CA GLU A 140 -8.28 -20.16 21.72
C GLU A 140 -9.80 -19.96 21.52
N GLY A 141 -10.40 -20.74 20.64
CA GLY A 141 -11.85 -20.78 20.50
C GLY A 141 -12.36 -20.06 19.26
N ALA A 142 -11.43 -19.58 18.41
CA ALA A 142 -11.80 -18.96 17.13
C ALA A 142 -12.17 -20.03 16.09
N ILE A 143 -13.08 -19.68 15.17
CA ILE A 143 -13.31 -20.49 13.99
C ILE A 143 -13.27 -19.51 12.81
N LYS A 144 -12.68 -19.94 11.70
CA LYS A 144 -12.45 -19.03 10.55
C LYS A 144 -12.79 -19.68 9.24
N LEU A 145 -13.37 -18.88 8.33
CA LEU A 145 -13.62 -19.30 6.96
C LEU A 145 -12.31 -19.36 6.20
N ALA A 146 -12.10 -20.46 5.49
CA ALA A 146 -10.88 -20.65 4.71
C ALA A 146 -11.20 -21.20 3.32
N ASP A 147 -10.17 -21.25 2.49
CA ASP A 147 -10.25 -21.70 1.09
C ASP A 147 -11.24 -20.86 0.27
N PHE A 148 -10.70 -19.81 -0.33
CA PHE A 148 -11.50 -18.89 -1.13
C PHE A 148 -11.23 -19.09 -2.62
N GLY A 149 -10.64 -20.24 -2.96
CA GLY A 149 -10.42 -20.62 -4.35
C GLY A 149 -11.73 -20.66 -5.15
N LEU A 150 -12.84 -20.99 -4.49
CA LEU A 150 -14.15 -21.09 -5.15
C LEU A 150 -15.00 -19.83 -5.06
N ALA A 151 -14.44 -18.79 -4.45
CA ALA A 151 -15.15 -17.55 -4.18
C ALA A 151 -15.29 -16.69 -5.43
N ARG A 152 -16.15 -15.67 -5.34
CA ARG A 152 -16.39 -14.74 -6.43
C ARG A 152 -16.76 -13.37 -5.89
N ALA A 153 -16.20 -12.32 -6.49
CA ALA A 153 -16.65 -10.97 -6.24
C ALA A 153 -17.91 -10.72 -7.07
N PHE A 154 -18.99 -10.32 -6.41
CA PHE A 154 -20.26 -10.13 -7.14
C PHE A 154 -20.59 -8.67 -7.36
N GLY A 155 -21.54 -8.40 -8.25
CA GLY A 155 -22.04 -7.04 -8.41
C GLY A 155 -23.47 -6.98 -7.92
N VAL A 156 -24.03 -5.79 -7.87
CA VAL A 156 -25.39 -5.58 -7.39
C VAL A 156 -26.20 -4.88 -8.49
N PRO A 157 -27.26 -5.53 -9.02
CA PRO A 157 -27.71 -6.88 -8.70
C PRO A 157 -26.76 -7.93 -9.29
N VAL A 158 -26.86 -9.17 -8.80
CA VAL A 158 -25.95 -10.23 -9.30
C VAL A 158 -26.21 -10.49 -10.79
N ARG A 159 -25.18 -10.97 -11.48
CA ARG A 159 -25.29 -11.53 -12.84
C ARG A 159 -25.31 -13.04 -12.67
N THR A 160 -25.46 -13.76 -13.78
CA THR A 160 -25.25 -15.21 -13.81
C THR A 160 -23.77 -15.57 -13.65
N TYR A 161 -23.47 -16.41 -12.65
CA TYR A 161 -22.12 -16.90 -12.38
C TYR A 161 -22.07 -18.43 -12.62
N TPO A 162 -20.94 -19.03 -12.37
CA TPO A 162 -20.73 -20.44 -12.56
CB TPO A 162 -19.38 -20.88 -12.04
CG2 TPO A 162 -19.14 -22.35 -12.21
OG1 TPO A 162 -18.35 -20.08 -12.55
P TPO A 162 -17.68 -18.90 -11.76
O1P TPO A 162 -16.89 -19.65 -10.86
O2P TPO A 162 -18.72 -18.13 -11.19
O3P TPO A 162 -16.93 -18.27 -12.73
C TPO A 162 -21.82 -21.29 -11.98
O TPO A 162 -22.16 -21.14 -10.84
N HIS A 163 -22.37 -22.18 -12.78
CA HIS A 163 -23.38 -23.05 -12.27
C HIS A 163 -22.95 -24.15 -11.38
N GLU A 164 -21.70 -24.57 -11.35
CA GLU A 164 -21.32 -25.65 -10.45
C GLU A 164 -22.32 -25.81 -9.30
N VAL A 165 -22.21 -25.17 -8.14
CA VAL A 165 -21.13 -24.57 -7.43
C VAL A 165 -21.60 -25.08 -6.07
N VAL A 166 -20.69 -25.08 -5.12
CA VAL A 166 -20.87 -25.54 -3.76
C VAL A 166 -20.83 -27.11 -3.64
N THR A 167 -20.09 -27.65 -2.69
CA THR A 167 -20.06 -29.09 -2.45
C THR A 167 -21.50 -29.60 -2.24
N LEU A 168 -21.82 -30.72 -2.90
CA LEU A 168 -23.21 -31.17 -3.06
C LEU A 168 -24.05 -31.15 -1.79
N TRP A 169 -23.53 -31.72 -0.71
CA TRP A 169 -24.28 -31.83 0.54
C TRP A 169 -24.72 -30.47 1.10
N TYR A 170 -24.02 -29.39 0.70
CA TYR A 170 -24.20 -28.05 1.28
C TYR A 170 -24.83 -27.07 0.30
N ARG A 171 -25.23 -27.58 -0.85
CA ARG A 171 -25.66 -26.78 -2.00
C ARG A 171 -27.15 -26.43 -1.92
N ALA A 172 -27.45 -25.15 -2.14
CA ALA A 172 -28.80 -24.60 -1.98
C ALA A 172 -29.75 -25.08 -3.07
N PRO A 173 -31.07 -25.13 -2.74
CA PRO A 173 -32.05 -25.61 -3.70
C PRO A 173 -32.15 -24.74 -4.95
N GLU A 174 -31.83 -23.45 -4.86
CA GLU A 174 -31.90 -22.58 -6.04
C GLU A 174 -30.79 -22.92 -7.06
N ILE A 175 -29.65 -23.42 -6.58
CA ILE A 175 -28.58 -23.91 -7.47
C ILE A 175 -29.01 -25.23 -8.08
N LEU A 176 -29.45 -26.16 -7.23
CA LEU A 176 -29.95 -27.46 -7.66
C LEU A 176 -31.09 -27.34 -8.70
N LEU A 177 -31.94 -26.34 -8.56
CA LEU A 177 -33.05 -26.15 -9.53
C LEU A 177 -32.72 -25.24 -10.73
N GLY A 178 -31.47 -24.79 -10.78
CA GLY A 178 -30.93 -24.16 -11.97
C GLY A 178 -31.33 -22.70 -12.18
N CYS A 179 -31.57 -21.98 -11.09
CA CYS A 179 -31.92 -20.55 -11.17
CA CYS A 179 -31.94 -20.57 -11.18
C CYS A 179 -30.85 -19.76 -11.90
N LYS A 180 -31.30 -18.84 -12.75
CA LYS A 180 -30.42 -17.98 -13.55
C LYS A 180 -29.50 -17.19 -12.63
N TYR A 181 -30.01 -16.83 -11.46
CA TYR A 181 -29.32 -16.01 -10.54
C TYR A 181 -29.31 -16.76 -9.22
N TYR A 182 -28.18 -16.66 -8.52
CA TYR A 182 -28.11 -17.01 -7.11
C TYR A 182 -27.30 -15.92 -6.43
N SER A 183 -27.44 -15.82 -5.11
CA SER A 183 -26.89 -14.67 -4.38
C SER A 183 -26.32 -15.07 -3.01
N THR A 184 -26.27 -14.11 -2.09
CA THR A 184 -25.74 -14.34 -0.75
C THR A 184 -26.43 -15.49 0.00
N ALA A 185 -27.73 -15.69 -0.28
CA ALA A 185 -28.52 -16.78 0.32
C ALA A 185 -27.88 -18.16 0.18
N VAL A 186 -27.08 -18.40 -0.87
CA VAL A 186 -26.50 -19.73 -1.05
C VAL A 186 -25.52 -20.05 0.09
N ASP A 187 -24.81 -19.05 0.59
CA ASP A 187 -23.83 -19.27 1.67
C ASP A 187 -24.54 -19.49 3.02
N ILE A 188 -25.67 -18.80 3.20
CA ILE A 188 -26.50 -18.99 4.39
C ILE A 188 -27.09 -20.41 4.41
N TRP A 189 -27.58 -20.90 3.27
CA TRP A 189 -28.01 -22.32 3.17
C TRP A 189 -26.92 -23.27 3.69
N SER A 190 -25.70 -23.11 3.17
CA SER A 190 -24.58 -23.96 3.60
C SER A 190 -24.34 -23.85 5.12
N LEU A 191 -24.36 -22.63 5.67
CA LEU A 191 -24.20 -22.47 7.12
C LEU A 191 -25.32 -23.12 7.94
N GLY A 192 -26.56 -23.08 7.43
CA GLY A 192 -27.67 -23.84 8.00
C GLY A 192 -27.37 -25.34 8.09
N CYS A 193 -26.90 -25.92 6.99
CA CYS A 193 -26.48 -27.32 6.98
C CYS A 193 -25.39 -27.60 8.03
N ILE A 194 -24.44 -26.67 8.15
CA ILE A 194 -23.32 -26.81 9.10
C ILE A 194 -23.80 -26.72 10.56
N PHE A 195 -24.75 -25.81 10.81
CA PHE A 195 -25.39 -25.66 12.14
C PHE A 195 -26.00 -27.01 12.56
N ALA A 196 -26.86 -27.58 11.71
CA ALA A 196 -27.45 -28.89 11.98
C ALA A 196 -26.34 -29.94 12.23
N GLU A 197 -25.31 -29.92 11.38
CA GLU A 197 -24.23 -30.88 11.47
C GLU A 197 -23.42 -30.80 12.79
N MET A 198 -23.17 -29.59 13.28
CA MET A 198 -22.53 -29.41 14.60
C MET A 198 -23.35 -30.05 15.74
N VAL A 199 -24.67 -29.92 15.67
CA VAL A 199 -25.57 -30.50 16.66
C VAL A 199 -25.61 -32.04 16.60
N THR A 200 -25.66 -32.60 15.39
CA THR A 200 -25.86 -34.05 15.19
C THR A 200 -24.56 -34.79 14.93
N ARG A 201 -23.56 -34.06 14.45
CA ARG A 201 -22.28 -34.63 14.00
C ARG A 201 -22.43 -35.49 12.73
N ARG A 202 -23.53 -35.30 12.00
CA ARG A 202 -23.68 -35.98 10.70
C ARG A 202 -24.29 -35.01 9.67
N ALA A 203 -24.01 -35.22 8.39
CA ALA A 203 -24.46 -34.26 7.37
C ALA A 203 -25.98 -34.27 7.34
N LEU A 204 -26.57 -33.08 7.25
CA LEU A 204 -28.03 -32.95 7.20
C LEU A 204 -28.64 -33.57 5.94
N PHE A 205 -28.05 -33.29 4.78
CA PHE A 205 -28.57 -33.75 3.49
C PHE A 205 -27.45 -34.47 2.70
N PRO A 206 -27.12 -35.72 3.08
CA PRO A 206 -26.01 -36.36 2.36
C PRO A 206 -26.40 -37.06 1.03
N GLY A 207 -26.67 -36.26 -0.01
CA GLY A 207 -27.07 -36.81 -1.32
C GLY A 207 -25.91 -37.39 -2.11
N ASP A 208 -26.22 -38.19 -3.13
CA ASP A 208 -25.16 -38.77 -3.96
CA ASP A 208 -25.20 -38.81 -3.97
C ASP A 208 -25.27 -38.36 -5.42
N SER A 209 -26.29 -37.57 -5.73
CA SER A 209 -26.47 -36.97 -7.05
C SER A 209 -27.30 -35.74 -6.81
N GLU A 210 -27.43 -34.88 -7.82
CA GLU A 210 -28.25 -33.67 -7.67
C GLU A 210 -29.70 -34.00 -7.37
N ILE A 211 -30.27 -35.00 -8.05
CA ILE A 211 -31.67 -35.33 -7.80
C ILE A 211 -31.87 -35.97 -6.43
N ASP A 212 -30.94 -36.82 -6.01
CA ASP A 212 -31.06 -37.40 -4.70
C ASP A 212 -30.92 -36.31 -3.62
N GLN A 213 -29.99 -35.40 -3.85
CA GLN A 213 -29.80 -34.24 -2.95
C GLN A 213 -31.12 -33.47 -2.84
N LEU A 214 -31.71 -33.10 -3.97
CA LEU A 214 -33.03 -32.42 -3.95
C LEU A 214 -34.11 -33.19 -3.21
N PHE A 215 -34.22 -34.50 -3.49
CA PHE A 215 -35.26 -35.32 -2.85
C PHE A 215 -35.05 -35.44 -1.35
N ARG A 216 -33.80 -35.53 -0.92
CA ARG A 216 -33.51 -35.54 0.52
C ARG A 216 -33.93 -34.23 1.20
N ILE A 217 -33.64 -33.10 0.57
CA ILE A 217 -34.11 -31.80 1.08
C ILE A 217 -35.65 -31.76 1.13
N PHE A 218 -36.31 -32.12 0.03
CA PHE A 218 -37.79 -32.16 -0.02
C PHE A 218 -38.41 -33.04 1.08
N ARG A 219 -37.79 -34.21 1.37
CA ARG A 219 -38.29 -35.13 2.42
C ARG A 219 -38.18 -34.55 3.82
N THR A 220 -37.27 -33.59 3.99
CA THR A 220 -37.06 -32.98 5.30
C THR A 220 -37.90 -31.73 5.44
N LEU A 221 -37.89 -30.86 4.43
CA LEU A 221 -38.49 -29.53 4.50
C LEU A 221 -39.83 -29.44 3.75
N GLY A 222 -40.23 -30.53 3.10
CA GLY A 222 -41.44 -30.56 2.27
C GLY A 222 -41.10 -30.22 0.86
N THR A 223 -41.83 -30.78 -0.11
CA THR A 223 -41.63 -30.36 -1.49
C THR A 223 -42.18 -28.94 -1.61
N PRO A 224 -41.34 -27.99 -2.10
CA PRO A 224 -41.79 -26.60 -2.14
C PRO A 224 -42.84 -26.38 -3.26
N ASP A 225 -43.88 -25.62 -2.94
CA ASP A 225 -44.89 -25.21 -3.91
C ASP A 225 -44.87 -23.68 -4.10
N GLU A 226 -45.76 -23.15 -4.95
CA GLU A 226 -45.85 -21.72 -5.19
C GLU A 226 -46.19 -20.88 -3.92
N VAL A 227 -46.86 -21.49 -2.95
CA VAL A 227 -47.15 -20.82 -1.68
C VAL A 227 -45.86 -20.61 -0.84
N VAL A 228 -45.03 -21.64 -0.72
CA VAL A 228 -43.80 -21.50 0.07
C VAL A 228 -42.71 -20.74 -0.69
N TRP A 229 -42.70 -20.89 -2.00
CA TRP A 229 -41.60 -20.37 -2.80
C TRP A 229 -42.12 -19.88 -4.14
N PRO A 230 -42.62 -18.63 -4.18
CA PRO A 230 -43.13 -18.11 -5.46
C PRO A 230 -42.10 -18.24 -6.58
N GLY A 231 -42.56 -18.80 -7.68
CA GLY A 231 -41.74 -19.01 -8.86
C GLY A 231 -41.05 -20.36 -8.99
N VAL A 232 -41.10 -21.17 -7.95
CA VAL A 232 -40.45 -22.46 -7.94
C VAL A 232 -40.82 -23.41 -9.08
N THR A 233 -42.07 -23.43 -9.47
CA THR A 233 -42.55 -24.30 -10.52
C THR A 233 -42.13 -23.89 -11.89
N SER A 234 -41.61 -22.69 -12.01
CA SER A 234 -41.15 -22.15 -13.28
C SER A 234 -39.64 -22.22 -13.42
N MET A 235 -38.96 -22.77 -12.42
CA MET A 235 -37.51 -22.88 -12.46
C MET A 235 -37.03 -23.93 -13.47
N PRO A 236 -35.87 -23.69 -14.12
CA PRO A 236 -35.38 -24.54 -15.22
C PRO A 236 -35.42 -26.04 -14.95
N ASP A 237 -34.99 -26.45 -13.75
CA ASP A 237 -34.88 -27.87 -13.45
C ASP A 237 -35.96 -28.38 -12.49
N TYR A 238 -37.01 -27.59 -12.32
CA TYR A 238 -38.17 -28.06 -11.59
C TYR A 238 -38.98 -28.97 -12.51
N LYS A 239 -39.50 -30.06 -11.95
CA LYS A 239 -40.34 -30.98 -12.72
C LYS A 239 -41.67 -31.17 -12.03
N PRO A 240 -42.79 -31.02 -12.78
CA PRO A 240 -44.09 -31.24 -12.18
C PRO A 240 -44.23 -32.66 -11.61
N SER A 241 -43.42 -33.61 -12.09
CA SER A 241 -43.44 -34.99 -11.56
C SER A 241 -42.70 -35.21 -10.23
N PHE A 242 -42.02 -34.18 -9.71
CA PHE A 242 -41.39 -34.30 -8.40
C PHE A 242 -42.41 -34.83 -7.41
N PRO A 243 -42.02 -35.82 -6.59
CA PRO A 243 -42.92 -36.26 -5.53
C PRO A 243 -43.21 -35.11 -4.55
N LYS A 244 -44.38 -35.14 -3.93
CA LYS A 244 -44.83 -34.02 -3.08
C LYS A 244 -44.82 -34.43 -1.61
N TRP A 245 -43.64 -34.35 -1.00
CA TRP A 245 -43.49 -34.75 0.38
C TRP A 245 -44.02 -33.68 1.33
N ALA A 246 -44.64 -34.12 2.41
CA ALA A 246 -45.11 -33.20 3.43
C ALA A 246 -43.91 -32.66 4.21
N ARG A 247 -44.05 -31.44 4.72
CA ARG A 247 -43.05 -30.84 5.58
C ARG A 247 -43.12 -31.47 6.95
N GLN A 248 -41.96 -31.87 7.45
CA GLN A 248 -41.83 -32.45 8.77
C GLN A 248 -42.03 -31.43 9.86
N ASP A 249 -42.62 -31.87 10.98
CA ASP A 249 -42.44 -31.23 12.25
C ASP A 249 -40.96 -30.83 12.35
N PHE A 250 -40.71 -29.53 12.44
CA PHE A 250 -39.33 -29.06 12.45
C PHE A 250 -38.48 -29.46 13.66
N SER A 251 -39.12 -29.78 14.78
CA SER A 251 -38.43 -30.32 15.97
C SER A 251 -37.92 -31.76 15.78
N LYS A 252 -38.28 -32.39 14.67
CA LYS A 252 -37.87 -33.75 14.39
C LYS A 252 -36.65 -33.78 13.48
N VAL A 253 -36.36 -32.64 12.85
CA VAL A 253 -35.18 -32.49 11.99
C VAL A 253 -33.90 -32.54 12.84
N VAL A 254 -33.86 -31.74 13.91
CA VAL A 254 -32.74 -31.77 14.84
C VAL A 254 -33.34 -31.81 16.26
N PRO A 255 -33.70 -33.01 16.73
CA PRO A 255 -34.40 -33.14 18.02
C PRO A 255 -33.73 -32.52 19.27
N PRO A 256 -32.39 -32.56 19.39
CA PRO A 256 -31.87 -31.95 20.63
C PRO A 256 -31.86 -30.40 20.64
N LEU A 257 -32.24 -29.76 19.54
CA LEU A 257 -32.22 -28.29 19.44
C LEU A 257 -33.40 -27.61 20.17
N ASP A 258 -33.07 -26.57 20.93
CA ASP A 258 -34.06 -25.74 21.64
C ASP A 258 -34.91 -24.87 20.70
N GLU A 259 -35.95 -24.25 21.24
CA GLU A 259 -36.86 -23.39 20.46
C GLU A 259 -36.15 -22.27 19.66
N ASP A 260 -35.23 -21.56 20.30
CA ASP A 260 -34.50 -20.48 19.61
C ASP A 260 -33.58 -21.06 18.52
N GLY A 261 -32.86 -22.13 18.84
CA GLY A 261 -32.04 -22.82 17.82
C GLY A 261 -32.87 -23.25 16.62
N ARG A 262 -34.04 -23.84 16.90
CA ARG A 262 -34.93 -24.30 15.80
C ARG A 262 -35.39 -23.13 14.95
N SER A 263 -35.73 -22.03 15.61
CA SER A 263 -36.20 -20.86 14.91
C SER A 263 -35.12 -20.38 13.92
N LEU A 264 -33.89 -20.23 14.41
CA LEU A 264 -32.78 -19.77 13.56
C LEU A 264 -32.54 -20.78 12.42
N LEU A 265 -32.44 -22.07 12.75
CA LEU A 265 -32.18 -23.08 11.71
C LEU A 265 -33.25 -23.00 10.62
N SER A 266 -34.52 -22.89 11.02
CA SER A 266 -35.63 -22.81 10.04
C SER A 266 -35.49 -21.58 9.12
N GLN A 267 -34.99 -20.46 9.66
CA GLN A 267 -34.79 -19.25 8.86
C GLN A 267 -33.58 -19.32 7.92
N MET A 268 -32.55 -20.08 8.32
CA MET A 268 -31.41 -20.29 7.44
C MET A 268 -31.75 -21.29 6.32
N LEU A 269 -32.70 -22.19 6.57
CA LEU A 269 -33.08 -23.19 5.56
C LEU A 269 -34.39 -22.86 4.87
N HIS A 270 -34.76 -21.58 4.85
CA HIS A 270 -35.94 -21.16 4.13
C HIS A 270 -35.75 -21.43 2.62
N TYR A 271 -36.75 -22.03 1.98
CA TYR A 271 -36.66 -22.34 0.55
C TYR A 271 -36.41 -21.10 -0.32
N ASP A 272 -37.21 -20.08 -0.09
CA ASP A 272 -37.22 -18.88 -0.91
C ASP A 272 -36.00 -18.02 -0.56
N PRO A 273 -35.05 -17.89 -1.52
CA PRO A 273 -33.82 -17.11 -1.25
C PRO A 273 -34.11 -15.69 -0.81
N ASN A 274 -35.23 -15.09 -1.26
CA ASN A 274 -35.66 -13.76 -0.79
C ASN A 274 -36.05 -13.68 0.68
N LYS A 275 -36.51 -14.79 1.26
CA LYS A 275 -36.98 -14.81 2.64
C LYS A 275 -35.94 -15.38 3.61
N ARG A 276 -34.99 -16.14 3.07
CA ARG A 276 -33.92 -16.75 3.87
C ARG A 276 -33.19 -15.65 4.65
N ILE A 277 -32.85 -15.93 5.90
CA ILE A 277 -32.27 -14.90 6.80
C ILE A 277 -30.88 -14.49 6.27
N SER A 278 -30.48 -13.22 6.41
CA SER A 278 -29.11 -12.82 6.07
C SER A 278 -28.16 -13.09 7.24
N ALA A 279 -26.86 -13.21 6.98
CA ALA A 279 -25.87 -13.37 8.08
C ALA A 279 -25.95 -12.21 9.06
N LYS A 280 -26.10 -11.01 8.50
CA LYS A 280 -26.15 -9.81 9.28
C LYS A 280 -27.36 -9.86 10.24
N ALA A 281 -28.55 -10.17 9.71
CA ALA A 281 -29.78 -10.28 10.58
C ALA A 281 -29.70 -11.42 11.61
N ALA A 282 -29.11 -12.53 11.21
CA ALA A 282 -28.98 -13.71 12.08
C ALA A 282 -28.17 -13.40 13.37
N LEU A 283 -27.21 -12.48 13.26
CA LEU A 283 -26.39 -12.11 14.43
C LEU A 283 -27.22 -11.61 15.63
N ALA A 284 -28.37 -11.00 15.34
CA ALA A 284 -29.25 -10.46 16.35
C ALA A 284 -30.32 -11.46 16.78
N HIS A 285 -30.26 -12.70 16.29
CA HIS A 285 -31.25 -13.74 16.67
C HIS A 285 -31.15 -14.12 18.16
N PRO A 286 -32.30 -14.28 18.83
CA PRO A 286 -32.36 -14.64 20.26
C PRO A 286 -31.56 -15.88 20.62
N PHE A 287 -31.28 -16.77 19.68
CA PHE A 287 -30.38 -17.92 19.94
C PHE A 287 -29.03 -17.48 20.54
N PHE A 288 -28.55 -16.31 20.13
CA PHE A 288 -27.25 -15.80 20.57
C PHE A 288 -27.27 -14.89 21.82
N GLN A 289 -28.41 -14.81 22.51
CA GLN A 289 -28.52 -13.90 23.67
C GLN A 289 -27.47 -14.13 24.77
N ASP A 290 -27.06 -15.38 24.95
CA ASP A 290 -26.06 -15.75 25.96
C ASP A 290 -24.74 -16.28 25.38
N VAL A 291 -24.43 -15.90 24.14
CA VAL A 291 -23.22 -16.39 23.47
C VAL A 291 -21.95 -15.92 24.19
N THR A 292 -20.98 -16.84 24.28
CA THR A 292 -19.66 -16.54 24.82
C THR A 292 -18.65 -17.08 23.80
N LYS A 293 -17.38 -17.17 24.17
CA LYS A 293 -16.38 -17.69 23.25
C LYS A 293 -15.41 -18.60 24.01
N PRO A 294 -15.85 -19.75 24.45
CA PRO A 294 -14.99 -20.66 25.17
C PRO A 294 -14.01 -21.38 24.27
N VAL A 295 -12.92 -21.85 24.83
CA VAL A 295 -11.95 -22.62 24.08
C VAL A 295 -12.57 -23.99 23.80
N PRO A 296 -12.03 -24.75 22.84
CA PRO A 296 -12.57 -26.06 22.56
C PRO A 296 -12.36 -26.98 23.75
N HIS A 297 -13.29 -27.87 24.00
CA HIS A 297 -13.19 -28.79 25.10
C HIS A 297 -12.17 -29.91 24.95
N LEU A 298 -11.54 -30.01 23.78
CA LEU A 298 -10.58 -31.06 23.52
C LEU A 298 -9.26 -30.52 23.04
N ARG A 299 -8.20 -31.26 23.23
CA ARG A 299 -6.91 -30.91 22.74
C ARG A 299 -6.93 -31.05 21.23
N LEU A 300 -6.38 -30.07 20.53
CA LEU A 300 -6.35 -30.03 19.07
C LEU A 300 -5.05 -30.63 18.50
N SER B 1 -35.57 -8.33 -4.30
CA SER B 1 -35.23 -9.63 -3.74
C SER B 1 -33.74 -9.74 -3.47
N VAL B 2 -33.35 -10.93 -2.99
CA VAL B 2 -31.98 -11.22 -2.67
C VAL B 2 -30.96 -10.96 -3.79
N ASN B 3 -31.38 -11.05 -5.04
CA ASN B 3 -30.48 -10.78 -6.13
C ASN B 3 -29.93 -9.32 -6.11
N GLU B 4 -30.67 -8.46 -5.44
CA GLU B 4 -30.30 -7.06 -5.26
C GLU B 4 -29.62 -6.83 -3.89
N VAL B 5 -29.33 -7.93 -3.17
CA VAL B 5 -28.79 -7.92 -1.81
C VAL B 5 -29.18 -6.69 -0.93
N PRO B 6 -30.49 -6.60 -0.58
CA PRO B 6 -30.97 -5.47 0.25
C PRO B 6 -30.23 -5.29 1.58
N ASP B 7 -29.81 -6.39 2.22
CA ASP B 7 -29.09 -6.28 3.47
C ASP B 7 -27.63 -5.81 3.35
N TYR B 8 -27.09 -5.73 2.13
CA TYR B 8 -25.66 -5.43 1.95
C TYR B 8 -25.34 -4.34 0.93
N HIS B 9 -26.34 -3.96 0.14
CA HIS B 9 -26.23 -3.01 -0.96
CA HIS B 9 -26.08 -3.07 -0.99
C HIS B 9 -25.44 -1.75 -0.55
N GLU B 10 -25.85 -1.18 0.58
CA GLU B 10 -25.29 0.10 1.08
C GLU B 10 -23.83 -0.12 1.54
N ASP B 11 -23.59 -1.23 2.25
CA ASP B 11 -22.21 -1.60 2.69
C ASP B 11 -21.29 -1.73 1.49
N ILE B 12 -21.76 -2.45 0.47
CA ILE B 12 -21.02 -2.69 -0.75
C ILE B 12 -20.72 -1.39 -1.49
N HIS B 13 -21.74 -0.54 -1.66
CA HIS B 13 -21.51 0.74 -2.31
C HIS B 13 -20.45 1.59 -1.59
N THR B 14 -20.59 1.69 -0.27
CA THR B 14 -19.59 2.35 0.58
C THR B 14 -18.17 1.77 0.42
N TYR B 15 -18.07 0.45 0.36
CA TYR B 15 -16.77 -0.23 0.17
C TYR B 15 -16.18 0.06 -1.21
N LEU B 16 -17.01 0.01 -2.26
CA LEU B 16 -16.56 0.36 -3.62
C LEU B 16 -16.08 1.81 -3.75
N ARG B 17 -16.72 2.73 -3.04
CA ARG B 17 -16.32 4.15 -3.02
C ARG B 17 -14.92 4.32 -2.37
N GLU B 18 -14.64 3.49 -1.35
CA GLU B 18 -13.31 3.47 -0.73
C GLU B 18 -12.31 2.88 -1.71
N MET B 19 -12.66 1.75 -2.31
CA MET B 19 -11.73 1.02 -3.16
C MET B 19 -11.43 1.71 -4.48
N GLU B 20 -12.40 2.44 -5.04
CA GLU B 20 -12.14 3.10 -6.32
C GLU B 20 -11.04 4.15 -6.22
N VAL B 21 -10.98 4.83 -5.07
CA VAL B 21 -9.93 5.79 -4.76
C VAL B 21 -8.59 5.06 -4.65
N LYS B 22 -8.59 3.95 -3.91
CA LYS B 22 -7.38 3.10 -3.80
C LYS B 22 -6.95 2.50 -5.13
N CYS B 23 -7.90 2.20 -6.03
CA CYS B 23 -7.59 1.53 -7.31
C CYS B 23 -7.38 2.49 -8.49
N LYS B 24 -7.46 3.79 -8.22
CA LYS B 24 -7.37 4.81 -9.25
C LYS B 24 -5.97 4.89 -9.87
N PRO B 25 -5.90 4.85 -11.22
CA PRO B 25 -4.65 5.11 -11.94
C PRO B 25 -4.16 6.54 -11.71
N LYS B 26 -2.87 6.80 -11.91
CA LYS B 26 -2.37 8.17 -11.75
C LYS B 26 -2.73 9.02 -12.98
N VAL B 27 -3.41 10.13 -12.70
CA VAL B 27 -4.03 10.98 -13.73
C VAL B 27 -3.03 11.46 -14.79
N GLY B 28 -1.81 11.79 -14.37
CA GLY B 28 -0.83 12.36 -15.30
C GLY B 28 0.22 11.41 -15.84
N TYR B 29 -0.09 10.12 -15.92
CA TYR B 29 0.94 9.12 -16.27
C TYR B 29 1.43 9.17 -17.72
N MET B 30 0.56 9.54 -18.66
CA MET B 30 0.92 9.53 -20.08
C MET B 30 2.06 10.52 -20.40
N LYS B 31 2.01 11.67 -19.74
CA LYS B 31 3.07 12.68 -19.81
C LYS B 31 4.43 12.10 -19.35
N LYS B 32 4.39 11.09 -18.50
CA LYS B 32 5.62 10.45 -18.02
C LYS B 32 6.06 9.24 -18.87
N GLN B 33 5.21 8.82 -19.80
CA GLN B 33 5.55 7.75 -20.72
C GLN B 33 6.29 8.34 -21.94
N PRO B 34 7.57 7.98 -22.12
CA PRO B 34 8.35 8.55 -23.22
C PRO B 34 7.89 8.07 -24.61
N ASP B 35 7.38 6.86 -24.71
CA ASP B 35 7.15 6.24 -26.03
C ASP B 35 5.70 6.06 -26.46
N ILE B 36 4.76 6.19 -25.53
CA ILE B 36 3.36 5.97 -25.84
C ILE B 36 2.50 7.21 -25.54
N THR B 37 1.36 7.29 -26.23
CA THR B 37 0.50 8.46 -26.19
C THR B 37 -0.96 8.08 -25.90
N ASN B 38 -1.78 9.09 -25.62
CA ASN B 38 -3.20 8.90 -25.43
C ASN B 38 -3.81 8.26 -26.67
N SER B 39 -3.32 8.64 -27.85
CA SER B 39 -3.81 8.07 -29.11
C SER B 39 -3.51 6.58 -29.24
N MET B 40 -2.31 6.18 -28.86
CA MET B 40 -1.94 4.75 -28.86
C MET B 40 -2.76 3.94 -27.87
N ARG B 41 -3.01 4.51 -26.69
CA ARG B 41 -3.85 3.88 -25.68
C ARG B 41 -5.30 3.73 -26.19
N ALA B 42 -5.79 4.73 -26.91
CA ALA B 42 -7.12 4.70 -27.48
C ALA B 42 -7.29 3.54 -28.48
N ILE B 43 -6.28 3.38 -29.34
CA ILE B 43 -6.22 2.28 -30.31
C ILE B 43 -6.24 0.93 -29.58
N LEU B 44 -5.47 0.83 -28.50
CA LEU B 44 -5.41 -0.40 -27.71
C LEU B 44 -6.76 -0.76 -27.11
N VAL B 45 -7.38 0.20 -26.41
CA VAL B 45 -8.66 0.00 -25.77
C VAL B 45 -9.76 -0.35 -26.81
N ASP B 46 -9.72 0.31 -27.97
CA ASP B 46 -10.65 -0.01 -29.06
C ASP B 46 -10.48 -1.45 -29.55
N TRP B 47 -9.23 -1.91 -29.62
CA TRP B 47 -8.93 -3.30 -29.98
C TRP B 47 -9.50 -4.28 -28.95
N LEU B 48 -9.33 -3.95 -27.67
CA LEU B 48 -9.88 -4.75 -26.56
C LEU B 48 -11.42 -4.87 -26.61
N VAL B 49 -12.09 -3.78 -26.97
CA VAL B 49 -13.53 -3.85 -27.26
C VAL B 49 -13.83 -4.91 -28.34
N GLU B 50 -13.10 -4.86 -29.47
CA GLU B 50 -13.26 -5.87 -30.53
C GLU B 50 -13.00 -7.30 -30.04
N VAL B 51 -11.95 -7.47 -29.24
CA VAL B 51 -11.62 -8.76 -28.62
C VAL B 51 -12.77 -9.27 -27.74
N GLY B 52 -13.28 -8.41 -26.85
CA GLY B 52 -14.45 -8.73 -26.02
C GLY B 52 -15.65 -9.15 -26.86
N GLU B 53 -15.80 -8.52 -28.02
CA GLU B 53 -16.86 -8.85 -28.98
C GLU B 53 -16.67 -10.22 -29.63
N GLU B 54 -15.45 -10.47 -30.08
CA GLU B 54 -15.08 -11.72 -30.74
C GLU B 54 -15.28 -12.94 -29.82
N TYR B 55 -14.93 -12.78 -28.56
CA TYR B 55 -15.02 -13.89 -27.61
C TYR B 55 -16.25 -13.79 -26.69
N LYS B 56 -17.12 -12.82 -26.98
CA LYS B 56 -18.36 -12.60 -26.24
C LYS B 56 -18.10 -12.53 -24.71
N LEU B 57 -17.13 -11.70 -24.35
CA LEU B 57 -16.78 -11.45 -22.95
C LEU B 57 -17.78 -10.48 -22.31
N GLN B 58 -17.88 -10.52 -20.98
CA GLN B 58 -18.65 -9.53 -20.24
C GLN B 58 -18.06 -8.13 -20.44
N ASN B 59 -18.91 -7.13 -20.47
CA ASN B 59 -18.44 -5.76 -20.45
C ASN B 59 -17.59 -5.48 -19.20
N GLU B 60 -17.97 -6.11 -18.09
CA GLU B 60 -17.21 -5.97 -16.85
C GLU B 60 -15.73 -6.33 -17.04
N THR B 61 -15.50 -7.43 -17.77
CA THR B 61 -14.15 -7.89 -18.10
C THR B 61 -13.32 -6.81 -18.82
N LEU B 62 -13.91 -6.20 -19.85
CA LEU B 62 -13.30 -5.07 -20.55
C LEU B 62 -12.94 -3.94 -19.58
N HIS B 63 -13.90 -3.52 -18.76
CA HIS B 63 -13.64 -2.46 -17.76
C HIS B 63 -12.47 -2.80 -16.81
N LEU B 64 -12.43 -4.03 -16.33
CA LEU B 64 -11.35 -4.49 -15.44
C LEU B 64 -9.98 -4.38 -16.15
N ALA B 65 -9.91 -4.86 -17.39
CA ALA B 65 -8.67 -4.90 -18.17
C ALA B 65 -8.08 -3.49 -18.32
N VAL B 66 -8.93 -2.52 -18.62
CA VAL B 66 -8.53 -1.12 -18.79
C VAL B 66 -8.01 -0.59 -17.47
N ASN B 67 -8.68 -0.92 -16.36
CA ASN B 67 -8.17 -0.58 -15.02
C ASN B 67 -6.77 -1.16 -14.80
N TYR B 68 -6.59 -2.43 -15.15
CA TYR B 68 -5.28 -3.07 -14.94
C TYR B 68 -4.20 -2.40 -15.78
N ILE B 69 -4.54 -2.08 -17.03
CA ILE B 69 -3.61 -1.41 -17.98
C ILE B 69 -3.19 -0.04 -17.48
N ASP B 70 -4.16 0.79 -17.13
CA ASP B 70 -3.86 2.16 -16.63
C ASP B 70 -3.04 2.19 -15.34
N ARG B 71 -3.34 1.27 -14.42
CA ARG B 71 -2.55 1.08 -13.19
C ARG B 71 -1.14 0.58 -13.49
N PHE B 72 -1.01 -0.37 -14.42
CA PHE B 72 0.32 -0.87 -14.82
C PHE B 72 1.17 0.26 -15.44
N LEU B 73 0.55 1.03 -16.34
CA LEU B 73 1.22 2.16 -17.01
C LEU B 73 1.47 3.35 -16.08
N SER B 74 0.80 3.39 -14.92
CA SER B 74 1.06 4.42 -13.92
C SER B 74 2.46 4.25 -13.27
N SER B 75 3.01 3.04 -13.28
CA SER B 75 4.36 2.85 -12.71
C SER B 75 5.41 2.24 -13.64
N MET B 76 5.00 1.75 -14.80
CA MET B 76 5.89 1.03 -15.71
C MET B 76 5.94 1.69 -17.08
N SER B 77 7.13 2.15 -17.48
CA SER B 77 7.35 2.65 -18.84
C SER B 77 7.33 1.49 -19.81
N VAL B 78 6.58 1.65 -20.91
CA VAL B 78 6.39 0.59 -21.89
C VAL B 78 6.63 1.15 -23.29
N LEU B 79 7.43 0.44 -24.09
CA LEU B 79 7.65 0.84 -25.49
C LEU B 79 6.41 0.55 -26.34
N ARG B 80 6.25 1.28 -27.44
CA ARG B 80 5.03 1.16 -28.25
C ARG B 80 4.78 -0.26 -28.79
N GLY B 81 5.86 -0.98 -29.10
CA GLY B 81 5.75 -2.36 -29.60
C GLY B 81 5.37 -3.38 -28.54
N LYS B 82 5.36 -2.96 -27.27
CA LYS B 82 5.02 -3.86 -26.16
C LYS B 82 3.68 -3.52 -25.47
N LEU B 83 3.08 -2.41 -25.87
CA LEU B 83 1.81 -2.00 -25.28
C LEU B 83 0.70 -3.04 -25.47
N GLN B 84 0.65 -3.65 -26.65
CA GLN B 84 -0.38 -4.65 -26.94
C GLN B 84 -0.15 -5.93 -26.13
N LEU B 85 1.10 -6.20 -25.78
CA LEU B 85 1.40 -7.33 -24.89
C LEU B 85 0.87 -7.08 -23.48
N VAL B 86 1.07 -5.87 -22.98
CA VAL B 86 0.48 -5.45 -21.69
C VAL B 86 -1.05 -5.62 -21.76
N GLY B 87 -1.65 -5.11 -22.83
CA GLY B 87 -3.10 -5.17 -23.02
C GLY B 87 -3.65 -6.58 -23.07
N THR B 88 -2.96 -7.45 -23.81
CA THR B 88 -3.37 -8.86 -23.94
C THR B 88 -3.29 -9.59 -22.60
N ALA B 89 -2.21 -9.38 -21.86
CA ALA B 89 -2.06 -9.97 -20.53
C ALA B 89 -3.13 -9.43 -19.57
N ALA B 90 -3.44 -8.15 -19.68
CA ALA B 90 -4.45 -7.55 -18.82
C ALA B 90 -5.84 -8.21 -19.09
N MET B 91 -6.14 -8.44 -20.36
CA MET B 91 -7.42 -9.00 -20.75
C MET B 91 -7.52 -10.48 -20.34
N LEU B 92 -6.39 -11.19 -20.42
CA LEU B 92 -6.29 -12.56 -19.94
C LEU B 92 -6.60 -12.63 -18.44
N LEU B 93 -5.93 -11.78 -17.67
CA LEU B 93 -6.18 -11.70 -16.23
C LEU B 93 -7.61 -11.29 -15.90
N ALA B 94 -8.12 -10.26 -16.57
CA ALA B 94 -9.51 -9.84 -16.36
C ALA B 94 -10.48 -11.00 -16.62
N SER B 95 -10.27 -11.76 -17.70
CA SER B 95 -11.11 -12.91 -18.06
C SER B 95 -11.05 -13.99 -16.98
N LYS B 96 -9.85 -14.34 -16.52
CA LYS B 96 -9.70 -15.31 -15.43
C LYS B 96 -10.46 -14.87 -14.15
N PHE B 97 -10.36 -13.60 -13.80
CA PHE B 97 -11.06 -13.09 -12.62
C PHE B 97 -12.60 -13.15 -12.82
N GLU B 98 -13.08 -12.66 -13.97
CA GLU B 98 -14.51 -12.32 -14.14
C GLU B 98 -15.36 -13.34 -14.90
N GLU B 99 -14.76 -14.09 -15.83
CA GLU B 99 -15.53 -14.94 -16.75
C GLU B 99 -15.74 -16.34 -16.18
N ILE B 100 -16.91 -16.91 -16.46
CA ILE B 100 -17.17 -18.32 -16.17
C ILE B 100 -16.26 -19.19 -17.00
N TYR B 101 -16.17 -18.88 -18.30
CA TYR B 101 -15.37 -19.63 -19.25
C TYR B 101 -14.39 -18.70 -19.95
N PRO B 102 -13.23 -18.41 -19.32
CA PRO B 102 -12.32 -17.50 -20.01
C PRO B 102 -11.74 -18.15 -21.27
N PRO B 103 -11.38 -17.33 -22.29
CA PRO B 103 -10.67 -17.90 -23.44
C PRO B 103 -9.35 -18.50 -23.01
N GLU B 104 -8.90 -19.52 -23.75
CA GLU B 104 -7.62 -20.14 -23.49
C GLU B 104 -6.50 -19.16 -23.80
N VAL B 105 -5.35 -19.36 -23.16
CA VAL B 105 -4.17 -18.55 -23.43
C VAL B 105 -3.83 -18.53 -24.92
N ALA B 106 -3.93 -19.69 -25.58
CA ALA B 106 -3.67 -19.80 -27.02
C ALA B 106 -4.59 -18.91 -27.85
N GLU B 107 -5.82 -18.71 -27.39
CA GLU B 107 -6.75 -17.80 -28.05
C GLU B 107 -6.30 -16.34 -27.89
N PHE B 108 -5.70 -16.01 -26.75
CA PHE B 108 -5.07 -14.68 -26.58
C PHE B 108 -3.78 -14.48 -27.40
N VAL B 109 -3.05 -15.54 -27.66
CA VAL B 109 -1.86 -15.47 -28.53
C VAL B 109 -2.32 -15.21 -29.97
N TYR B 110 -3.29 -15.99 -30.41
CA TYR B 110 -3.88 -15.87 -31.74
C TYR B 110 -4.40 -14.47 -32.08
N ILE B 111 -5.13 -13.83 -31.17
CA ILE B 111 -5.71 -12.50 -31.46
C ILE B 111 -4.70 -11.35 -31.54
N THR B 112 -3.47 -11.59 -31.11
CA THR B 112 -2.39 -10.62 -31.35
C THR B 112 -1.74 -10.78 -32.74
N ASP B 113 -2.32 -11.66 -33.57
CA ASP B 113 -1.82 -12.00 -34.92
CA ASP B 113 -1.81 -11.99 -34.92
C ASP B 113 -0.39 -12.56 -34.88
N ASP B 114 -0.07 -13.26 -33.79
CA ASP B 114 1.25 -13.85 -33.53
C ASP B 114 2.40 -12.83 -33.46
N THR B 115 2.08 -11.62 -33.00
CA THR B 115 3.07 -10.60 -32.65
C THR B 115 3.89 -11.09 -31.44
N TYR B 116 3.25 -11.89 -30.59
CA TYR B 116 3.84 -12.34 -29.34
C TYR B 116 3.72 -13.85 -29.19
N THR B 117 4.63 -14.45 -28.43
CA THR B 117 4.58 -15.87 -28.17
C THR B 117 3.77 -16.16 -26.91
N LYS B 118 3.36 -17.40 -26.74
CA LYS B 118 2.70 -17.84 -25.50
C LYS B 118 3.60 -17.54 -24.30
N LYS B 119 4.90 -17.80 -24.44
CA LYS B 119 5.87 -17.50 -23.40
C LYS B 119 5.83 -16.03 -22.98
N GLN B 120 5.78 -15.12 -23.95
CA GLN B 120 5.69 -13.69 -23.67
C GLN B 120 4.40 -13.28 -22.93
N VAL B 121 3.28 -13.85 -23.38
CA VAL B 121 1.99 -13.55 -22.77
C VAL B 121 1.98 -14.01 -21.31
N LEU B 122 2.46 -15.24 -21.08
CA LEU B 122 2.53 -15.78 -19.72
C LEU B 122 3.49 -15.04 -18.78
N ARG B 123 4.66 -14.63 -19.31
CA ARG B 123 5.60 -13.82 -18.54
C ARG B 123 5.05 -12.44 -18.22
N MET B 124 4.36 -11.82 -19.17
CA MET B 124 3.67 -10.55 -18.93
C MET B 124 2.55 -10.71 -17.90
N GLU B 125 1.76 -11.77 -18.00
CA GLU B 125 0.75 -12.05 -16.96
C GLU B 125 1.40 -11.98 -15.56
N HIS B 126 2.52 -12.67 -15.39
CA HIS B 126 3.25 -12.71 -14.12
C HIS B 126 3.68 -11.30 -13.70
N LEU B 127 4.27 -10.55 -14.62
CA LEU B 127 4.69 -9.16 -14.36
C LEU B 127 3.55 -8.26 -13.93
N VAL B 128 2.43 -8.32 -14.66
CA VAL B 128 1.26 -7.50 -14.33
C VAL B 128 0.76 -7.81 -12.92
N LEU B 129 0.70 -9.10 -12.60
CA LEU B 129 0.31 -9.57 -11.26
C LEU B 129 1.22 -9.01 -10.16
N LYS B 130 2.51 -9.01 -10.42
CA LYS B 130 3.49 -8.47 -9.48
C LYS B 130 3.35 -6.96 -9.30
N VAL B 131 3.20 -6.25 -10.41
CA VAL B 131 3.11 -4.78 -10.38
C VAL B 131 1.84 -4.34 -9.65
N LEU B 132 0.75 -5.07 -9.90
CA LEU B 132 -0.53 -4.78 -9.28
C LEU B 132 -0.67 -5.46 -7.92
N ALA B 133 0.34 -6.26 -7.53
CA ALA B 133 0.35 -6.98 -6.26
C ALA B 133 -0.90 -7.86 -6.08
N PHE B 134 -1.36 -8.44 -7.19
CA PHE B 134 -2.53 -9.33 -7.21
C PHE B 134 -3.85 -8.64 -6.83
N ASP B 135 -3.86 -7.31 -6.85
CA ASP B 135 -5.02 -6.55 -6.41
C ASP B 135 -5.92 -6.32 -7.61
N LEU B 136 -6.71 -7.35 -7.95
CA LEU B 136 -7.49 -7.35 -9.18
C LEU B 136 -8.99 -7.08 -9.03
N ALA B 137 -9.48 -7.03 -7.80
CA ALA B 137 -10.91 -6.81 -7.56
C ALA B 137 -11.23 -5.32 -7.55
N ALA B 138 -11.02 -4.67 -8.69
CA ALA B 138 -11.18 -3.22 -8.79
C ALA B 138 -12.61 -2.81 -9.12
N PRO B 139 -13.12 -1.74 -8.47
CA PRO B 139 -14.41 -1.19 -8.89
C PRO B 139 -14.37 -0.58 -10.28
N THR B 140 -15.47 -0.76 -11.02
CA THR B 140 -15.57 -0.30 -12.39
C THR B 140 -16.79 0.59 -12.53
N ILE B 141 -16.84 1.38 -13.62
CA ILE B 141 -18.05 2.14 -13.97
C ILE B 141 -19.29 1.24 -13.90
N ASN B 142 -19.17 0.02 -14.42
CA ASN B 142 -20.33 -0.86 -14.51
C ASN B 142 -20.86 -1.30 -13.16
N GLN B 143 -19.98 -1.51 -12.18
CA GLN B 143 -20.43 -1.91 -10.86
C GLN B 143 -21.25 -0.82 -10.18
N PHE B 144 -20.95 0.45 -10.46
CA PHE B 144 -21.79 1.54 -9.98
C PHE B 144 -23.08 1.69 -10.79
N LEU B 145 -22.97 1.61 -12.13
CA LEU B 145 -24.15 1.73 -13.01
C LEU B 145 -25.25 0.76 -12.62
N THR B 146 -24.91 -0.51 -12.41
CA THR B 146 -25.94 -1.51 -12.11
C THR B 146 -26.70 -1.21 -10.82
N GLN B 147 -26.00 -0.64 -9.83
CA GLN B 147 -26.67 -0.13 -8.61
C GLN B 147 -27.57 1.06 -8.89
N TYR B 148 -27.08 2.03 -9.69
CA TYR B 148 -27.84 3.22 -10.02
C TYR B 148 -29.13 2.87 -10.78
N PHE B 149 -29.05 1.84 -11.62
CA PHE B 149 -30.20 1.38 -12.43
C PHE B 149 -31.39 0.98 -11.56
N LEU B 150 -31.10 0.47 -10.36
CA LEU B 150 -32.16 0.13 -9.42
C LEU B 150 -33.02 1.32 -8.99
N HIS B 151 -32.56 2.53 -9.26
CA HIS B 151 -33.33 3.73 -8.93
C HIS B 151 -34.27 4.23 -10.03
N GLN B 152 -34.35 3.53 -11.15
CA GLN B 152 -35.27 3.94 -12.22
C GLN B 152 -36.72 3.66 -11.84
N GLN B 153 -37.62 4.50 -12.34
CA GLN B 153 -39.05 4.42 -12.06
C GLN B 153 -39.87 4.60 -13.36
N PRO B 154 -40.09 3.49 -14.13
CA PRO B 154 -39.60 2.13 -13.97
C PRO B 154 -38.32 1.89 -14.77
N ALA B 155 -37.76 0.68 -14.68
CA ALA B 155 -36.55 0.32 -15.43
C ALA B 155 -36.81 0.42 -16.93
N ASN B 156 -35.83 0.95 -17.64
CA ASN B 156 -35.93 1.21 -19.07
C ASN B 156 -34.65 0.68 -19.71
N CYS B 157 -34.79 -0.29 -20.61
CA CYS B 157 -33.63 -0.97 -21.22
C CYS B 157 -32.77 -0.05 -22.07
N LYS B 158 -33.41 0.88 -22.77
CA LYS B 158 -32.68 1.85 -23.56
C LYS B 158 -31.80 2.72 -22.64
N VAL B 159 -32.36 3.13 -21.49
CA VAL B 159 -31.59 3.94 -20.53
C VAL B 159 -30.37 3.16 -20.03
N GLU B 160 -30.61 1.90 -19.64
CA GLU B 160 -29.54 1.06 -19.12
C GLU B 160 -28.44 0.81 -20.15
N SER B 161 -28.85 0.44 -21.38
CA SER B 161 -27.87 0.17 -22.43
C SER B 161 -27.12 1.44 -22.85
N LEU B 162 -27.84 2.56 -22.93
CA LEU B 162 -27.21 3.84 -23.31
C LEU B 162 -26.18 4.29 -22.28
N ALA B 163 -26.51 4.12 -21.00
CA ALA B 163 -25.58 4.49 -19.94
C ALA B 163 -24.30 3.65 -20.02
N MET B 164 -24.44 2.37 -20.35
CA MET B 164 -23.29 1.47 -20.52
C MET B 164 -22.42 1.89 -21.68
N PHE B 165 -23.07 2.22 -22.79
CA PHE B 165 -22.44 2.76 -23.98
C PHE B 165 -21.58 3.98 -23.66
N LEU B 166 -22.16 4.96 -22.95
CA LEU B 166 -21.43 6.19 -22.58
C LEU B 166 -20.26 5.88 -21.66
N GLY B 167 -20.48 5.01 -20.67
CA GLY B 167 -19.39 4.61 -19.78
C GLY B 167 -18.26 3.95 -20.53
N GLU B 168 -18.61 3.19 -21.57
CA GLU B 168 -17.60 2.49 -22.37
C GLU B 168 -16.82 3.47 -23.26
N LEU B 169 -17.51 4.42 -23.86
CA LEU B 169 -16.82 5.48 -24.60
C LEU B 169 -15.73 6.18 -23.79
N SER B 170 -15.97 6.34 -22.49
CA SER B 170 -15.02 7.05 -21.61
C SER B 170 -13.72 6.26 -21.41
N LEU B 171 -13.78 4.94 -21.61
CA LEU B 171 -12.58 4.11 -21.49
C LEU B 171 -11.51 4.43 -22.55
N ILE B 172 -11.97 4.88 -23.72
CA ILE B 172 -11.10 5.13 -24.89
C ILE B 172 -10.13 6.29 -24.69
N ASP B 173 -10.61 7.36 -24.04
CA ASP B 173 -9.91 8.63 -24.03
C ASP B 173 -9.36 8.97 -22.64
N ALA B 174 -8.08 8.69 -22.39
CA ALA B 174 -7.45 8.97 -21.09
C ALA B 174 -7.55 10.44 -20.72
N ASP B 175 -7.41 11.31 -21.71
CA ASP B 175 -7.76 12.71 -21.59
C ASP B 175 -9.16 12.90 -22.19
N PRO B 176 -10.16 13.27 -21.37
CA PRO B 176 -10.12 13.68 -19.95
C PRO B 176 -10.36 12.62 -18.88
N TYR B 177 -10.75 11.40 -19.24
CA TYR B 177 -11.47 10.55 -18.27
C TYR B 177 -10.67 9.91 -17.14
N LEU B 178 -9.34 9.91 -17.26
CA LEU B 178 -8.47 9.55 -16.15
C LEU B 178 -8.67 10.41 -14.90
N LYS B 179 -9.13 11.64 -15.07
CA LYS B 179 -9.31 12.46 -13.87
C LYS B 179 -10.59 12.19 -13.06
N TYR B 180 -11.52 11.43 -13.64
CA TYR B 180 -12.79 11.11 -13.00
C TYR B 180 -12.83 9.70 -12.44
N LEU B 181 -13.46 9.52 -11.28
CA LEU B 181 -13.61 8.20 -10.66
C LEU B 181 -14.74 7.42 -11.35
N PRO B 182 -14.70 6.08 -11.32
CA PRO B 182 -15.77 5.27 -11.92
C PRO B 182 -17.17 5.67 -11.44
N SER B 183 -17.33 5.96 -10.15
CA SER B 183 -18.66 6.28 -9.60
C SER B 183 -19.22 7.57 -10.19
N VAL B 184 -18.32 8.49 -10.51
CA VAL B 184 -18.65 9.79 -11.09
C VAL B 184 -18.96 9.66 -12.57
N ILE B 185 -18.13 8.92 -13.32
CA ILE B 185 -18.43 8.67 -14.73
C ILE B 185 -19.77 7.93 -14.86
N ALA B 186 -19.99 6.93 -14.00
CA ALA B 186 -21.26 6.20 -13.97
C ALA B 186 -22.44 7.12 -13.73
N ALA B 187 -22.31 8.03 -12.78
CA ALA B 187 -23.37 8.99 -12.46
C ALA B 187 -23.68 9.90 -13.63
N ALA B 188 -22.64 10.45 -14.24
CA ALA B 188 -22.85 11.31 -15.42
C ALA B 188 -23.47 10.51 -16.57
N ALA B 189 -22.99 9.28 -16.77
CA ALA B 189 -23.52 8.43 -17.85
C ALA B 189 -24.99 8.10 -17.62
N PHE B 190 -25.34 7.79 -16.37
CA PHE B 190 -26.72 7.49 -16.03
C PHE B 190 -27.62 8.69 -16.22
N HIS B 191 -27.21 9.86 -15.71
CA HIS B 191 -28.02 11.08 -15.95
C HIS B 191 -28.20 11.38 -17.43
N LEU B 192 -27.10 11.32 -18.18
CA LEU B 192 -27.13 11.65 -19.62
C LEU B 192 -27.99 10.69 -20.45
N ALA B 193 -27.92 9.41 -20.09
CA ALA B 193 -28.76 8.37 -20.71
C ALA B 193 -30.23 8.59 -20.38
N LEU B 194 -30.52 8.83 -19.11
CA LEU B 194 -31.89 9.07 -18.64
C LEU B 194 -32.51 10.28 -19.34
N TYR B 195 -31.75 11.36 -19.41
CA TYR B 195 -32.16 12.59 -20.10
C TYR B 195 -32.38 12.37 -21.62
N THR B 196 -31.42 11.72 -22.28
CA THR B 196 -31.54 11.41 -23.70
C THR B 196 -32.82 10.62 -24.02
N VAL B 197 -33.09 9.57 -23.25
CA VAL B 197 -34.21 8.66 -23.53
C VAL B 197 -35.57 9.16 -23.01
N THR B 198 -35.62 9.59 -21.75
CA THR B 198 -36.89 9.89 -21.08
C THR B 198 -37.14 11.37 -20.76
N GLY B 199 -36.10 12.20 -20.87
CA GLY B 199 -36.19 13.61 -20.52
C GLY B 199 -36.02 13.90 -19.03
N GLN B 200 -35.86 12.84 -18.24
CA GLN B 200 -35.75 12.91 -16.78
C GLN B 200 -34.30 13.13 -16.34
N SER B 201 -34.09 13.49 -15.07
CA SER B 201 -32.76 13.82 -14.54
C SER B 201 -32.34 12.96 -13.36
N TRP B 202 -31.03 12.98 -13.07
CA TRP B 202 -30.44 12.42 -11.84
C TRP B 202 -31.42 12.54 -10.66
N PRO B 203 -31.95 11.41 -10.19
CA PRO B 203 -33.01 11.47 -9.18
C PRO B 203 -32.50 11.78 -7.76
N GLU B 204 -33.38 12.37 -6.96
CA GLU B 204 -33.11 12.69 -5.55
C GLU B 204 -32.66 11.45 -4.75
N SER B 205 -33.24 10.28 -5.05
CA SER B 205 -32.84 9.04 -4.39
C SER B 205 -31.37 8.66 -4.61
N LEU B 206 -30.82 9.01 -5.78
CA LEU B 206 -29.39 8.82 -6.03
C LEU B 206 -28.51 9.92 -5.42
N VAL B 207 -29.03 11.12 -5.26
CA VAL B 207 -28.35 12.12 -4.42
C VAL B 207 -28.21 11.56 -2.99
N GLN B 208 -29.30 11.00 -2.48
CA GLN B 208 -29.29 10.32 -1.18
C GLN B 208 -28.24 9.21 -1.06
N LYS B 209 -28.14 8.37 -2.10
CA LYS B 209 -27.20 7.25 -2.09
C LYS B 209 -25.74 7.70 -2.22
N THR B 210 -25.47 8.58 -3.18
CA THR B 210 -24.11 8.90 -3.62
C THR B 210 -23.52 10.18 -3.05
N GLY B 211 -24.39 11.10 -2.64
CA GLY B 211 -23.95 12.45 -2.26
C GLY B 211 -23.66 13.33 -3.46
N TYR B 212 -23.81 12.78 -4.68
CA TYR B 212 -23.57 13.55 -5.90
C TYR B 212 -24.82 14.30 -6.31
N THR B 213 -24.64 15.52 -6.81
CA THR B 213 -25.72 16.30 -7.39
C THR B 213 -25.30 16.71 -8.80
N LEU B 214 -26.24 17.19 -9.60
CA LEU B 214 -25.92 17.73 -10.94
C LEU B 214 -24.77 18.73 -10.90
N GLU B 215 -24.73 19.59 -9.87
CA GLU B 215 -23.64 20.55 -9.74
CA GLU B 215 -23.64 20.54 -9.67
C GLU B 215 -22.28 19.86 -9.60
N THR B 216 -22.18 18.83 -8.76
CA THR B 216 -20.90 18.16 -8.58
C THR B 216 -20.54 17.27 -9.77
N LEU B 217 -21.55 16.83 -10.52
CA LEU B 217 -21.37 16.01 -11.74
C LEU B 217 -21.12 16.84 -13.01
N LYS B 218 -21.38 18.14 -12.93
CA LYS B 218 -21.28 19.03 -14.10
C LYS B 218 -20.00 18.88 -14.96
N PRO B 219 -18.79 18.98 -14.36
CA PRO B 219 -17.56 18.81 -15.14
C PRO B 219 -17.48 17.54 -16.00
N CYS B 220 -17.71 16.38 -15.38
CA CYS B 220 -17.74 15.12 -16.09
C CYS B 220 -18.86 15.10 -17.12
N LEU B 221 -20.05 15.56 -16.73
CA LEU B 221 -21.20 15.61 -17.64
C LEU B 221 -20.93 16.43 -18.89
N LEU B 222 -20.35 17.61 -18.73
CA LEU B 222 -19.91 18.44 -19.86
C LEU B 222 -18.91 17.71 -20.77
N ASP B 223 -17.96 17.02 -20.17
CA ASP B 223 -17.03 16.19 -20.95
C ASP B 223 -17.77 15.07 -21.67
N LEU B 224 -18.61 14.33 -20.95
CA LEU B 224 -19.30 13.17 -21.53
C LEU B 224 -20.27 13.58 -22.64
N HIS B 225 -20.94 14.70 -22.44
CA HIS B 225 -21.85 15.22 -23.45
C HIS B 225 -21.12 15.51 -24.77
N GLN B 226 -19.93 16.11 -24.67
CA GLN B 226 -19.11 16.39 -25.85
C GLN B 226 -18.62 15.12 -26.53
N THR B 227 -18.14 14.16 -25.74
CA THR B 227 -17.76 12.85 -26.26
C THR B 227 -18.92 12.18 -27.02
N TYR B 228 -20.10 12.18 -26.41
CA TYR B 228 -21.32 11.67 -27.03
C TYR B 228 -21.66 12.37 -28.37
N LEU B 229 -21.57 13.70 -28.38
CA LEU B 229 -21.86 14.46 -29.60
C LEU B 229 -20.83 14.20 -30.70
N ARG B 230 -19.60 13.92 -30.30
CA ARG B 230 -18.49 13.72 -31.24
C ARG B 230 -18.25 12.26 -31.61
N ALA B 231 -19.00 11.35 -31.00
CA ALA B 231 -18.75 9.90 -31.13
C ALA B 231 -18.71 9.39 -32.59
N PRO B 232 -19.66 9.81 -33.46
CA PRO B 232 -19.58 9.37 -34.86
C PRO B 232 -18.28 9.75 -35.61
N GLN B 233 -17.55 10.75 -35.11
CA GLN B 233 -16.37 11.28 -35.80
C GLN B 233 -15.05 10.82 -35.18
N HIS B 234 -15.11 10.21 -34.00
CA HIS B 234 -13.94 9.70 -33.29
C HIS B 234 -13.22 8.66 -34.15
N ALA B 235 -11.90 8.69 -34.15
CA ALA B 235 -11.05 7.74 -34.88
C ALA B 235 -11.36 6.28 -34.52
N GLN B 236 -11.70 6.05 -33.25
CA GLN B 236 -12.06 4.71 -32.80
C GLN B 236 -13.58 4.53 -32.79
N GLN B 237 -14.04 3.42 -33.36
CA GLN B 237 -15.46 3.21 -33.67
C GLN B 237 -16.04 1.87 -33.17
N SER B 238 -15.24 1.06 -32.49
CA SER B 238 -15.68 -0.29 -32.14
C SER B 238 -16.85 -0.34 -31.15
N ILE B 239 -16.88 0.63 -30.23
CA ILE B 239 -17.99 0.72 -29.26
C ILE B 239 -19.31 1.09 -29.94
N ARG B 240 -19.29 2.10 -30.81
CA ARG B 240 -20.48 2.44 -31.58
C ARG B 240 -20.99 1.24 -32.40
N GLU B 241 -20.09 0.53 -33.07
CA GLU B 241 -20.46 -0.66 -33.85
C GLU B 241 -21.11 -1.72 -32.95
N LYS B 242 -20.44 -1.99 -31.83
CA LYS B 242 -20.90 -2.94 -30.81
C LYS B 242 -22.30 -2.58 -30.31
N TYR B 243 -22.53 -1.31 -30.03
CA TYR B 243 -23.80 -0.88 -29.46
C TYR B 243 -24.92 -0.64 -30.48
N LYS B 244 -24.68 -1.03 -31.75
CA LYS B 244 -25.77 -1.11 -32.75
C LYS B 244 -26.56 -2.40 -32.59
N ASN B 245 -25.97 -3.38 -31.91
CA ASN B 245 -26.53 -4.72 -31.73
C ASN B 245 -27.79 -4.71 -30.88
N SER B 246 -28.74 -5.59 -31.20
CA SER B 246 -29.98 -5.76 -30.43
C SER B 246 -29.72 -6.12 -28.98
N LYS B 247 -28.57 -6.76 -28.71
CA LYS B 247 -28.16 -7.09 -27.35
C LYS B 247 -28.16 -5.84 -26.48
N TYR B 248 -27.76 -4.72 -27.07
CA TYR B 248 -27.71 -3.44 -26.36
C TYR B 248 -28.75 -2.48 -26.92
N HIS B 249 -29.81 -3.04 -27.51
CA HIS B 249 -31.01 -2.27 -27.89
C HIS B 249 -30.73 -1.19 -28.93
N GLY B 250 -29.66 -1.38 -29.71
CA GLY B 250 -29.28 -0.46 -30.79
C GLY B 250 -29.04 0.97 -30.34
N VAL B 251 -28.66 1.16 -29.07
CA VAL B 251 -28.62 2.49 -28.47
C VAL B 251 -27.66 3.48 -29.10
N SER B 252 -26.62 3.00 -29.77
CA SER B 252 -25.68 3.90 -30.45
C SER B 252 -26.30 4.61 -31.66
N LEU B 253 -27.52 4.22 -32.03
CA LEU B 253 -28.23 4.85 -33.15
C LEU B 253 -29.13 5.97 -32.66
N LEU B 254 -29.38 6.03 -31.35
CA LEU B 254 -30.07 7.17 -30.74
C LEU B 254 -29.29 8.46 -30.95
N ASN B 255 -29.99 9.59 -31.10
CA ASN B 255 -29.31 10.88 -31.26
C ASN B 255 -29.06 11.54 -29.91
N PRO B 256 -27.84 12.05 -29.70
CA PRO B 256 -27.56 12.79 -28.46
C PRO B 256 -28.38 14.07 -28.37
N PRO B 257 -28.63 14.56 -27.13
CA PRO B 257 -29.34 15.84 -27.04
C PRO B 257 -28.40 16.97 -27.43
N GLU B 258 -28.94 18.03 -28.03
CA GLU B 258 -28.11 19.15 -28.46
C GLU B 258 -27.60 19.94 -27.26
N THR B 259 -28.46 20.08 -26.24
CA THR B 259 -28.12 20.79 -25.00
C THR B 259 -28.57 20.01 -23.78
N LEU B 260 -27.95 20.29 -22.64
CA LEU B 260 -28.28 19.60 -21.38
C LEU B 260 -29.19 20.42 -20.47
N ASN B 261 -29.25 21.73 -20.71
CA ASN B 261 -30.06 22.65 -19.91
C ASN B 261 -29.83 22.52 -18.41
N VAL B 262 -28.70 22.41 -17.94
CA VAL B 262 -28.34 22.28 -16.53
C VAL B 262 -28.52 23.60 -15.79
N SER C 2 12.43 -10.84 -8.95
CA SER C 2 13.73 -11.33 -9.45
CA SER C 2 13.74 -11.32 -9.43
C SER C 2 14.27 -10.62 -10.69
N MET C 3 15.45 -11.03 -11.15
CA MET C 3 16.15 -10.37 -12.25
C MET C 3 15.95 -11.02 -13.62
N GLU C 4 15.06 -12.01 -13.69
CA GLU C 4 14.84 -12.78 -14.92
C GLU C 4 14.37 -11.94 -16.12
N ASN C 5 13.56 -10.91 -15.85
CA ASN C 5 13.08 -10.01 -16.91
C ASN C 5 14.08 -8.95 -17.37
N PHE C 6 15.21 -8.82 -16.68
CA PHE C 6 16.21 -7.84 -17.07
C PHE C 6 17.35 -8.47 -17.86
N GLN C 7 17.72 -7.82 -18.96
CA GLN C 7 18.90 -8.20 -19.71
C GLN C 7 19.96 -7.11 -19.54
N LYS C 8 21.06 -7.46 -18.88
CA LYS C 8 22.18 -6.53 -18.74
C LYS C 8 22.77 -6.25 -20.11
N VAL C 9 23.09 -4.98 -20.35
CA VAL C 9 23.59 -4.52 -21.63
C VAL C 9 25.08 -4.17 -21.52
N GLU C 10 25.43 -3.34 -20.54
CA GLU C 10 26.81 -2.95 -20.27
C GLU C 10 26.96 -2.41 -18.86
N LYS C 11 28.20 -2.40 -18.37
CA LYS C 11 28.54 -1.76 -17.11
C LYS C 11 28.72 -0.25 -17.34
N ILE C 12 27.96 0.57 -16.59
CA ILE C 12 27.95 2.04 -16.77
C ILE C 12 28.83 2.79 -15.79
N GLY C 13 29.21 2.15 -14.69
CA GLY C 13 29.98 2.84 -13.67
C GLY C 13 30.11 2.09 -12.38
N GLU C 14 30.74 2.72 -11.40
CA GLU C 14 31.05 2.05 -10.15
C GLU C 14 30.94 2.95 -8.92
N GLY C 15 31.73 2.63 -7.89
CA GLY C 15 31.60 3.23 -6.55
C GLY C 15 31.89 2.17 -5.49
N THR C 16 32.12 2.61 -4.26
CA THR C 16 32.46 1.72 -3.13
C THR C 16 31.37 0.71 -2.77
N TYR C 17 30.36 0.60 -3.63
CA TYR C 17 29.08 -0.03 -3.28
C TYR C 17 28.95 -1.48 -3.82
N GLY C 18 28.55 -1.63 -5.09
CA GLY C 18 28.12 -0.52 -5.93
C GLY C 18 28.67 -0.54 -7.34
N VAL C 19 28.14 -1.44 -8.15
CA VAL C 19 28.36 -1.44 -9.59
C VAL C 19 27.04 -1.08 -10.27
N VAL C 20 27.13 -0.21 -11.28
CA VAL C 20 25.94 0.21 -12.03
C VAL C 20 25.96 -0.35 -13.45
N TYR C 21 24.83 -0.94 -13.86
CA TYR C 21 24.67 -1.57 -15.18
C TYR C 21 23.53 -0.95 -15.95
N LYS C 22 23.68 -0.86 -17.26
CA LYS C 22 22.58 -0.59 -18.17
C LYS C 22 21.91 -1.92 -18.44
N ALA C 23 20.59 -1.93 -18.33
CA ALA C 23 19.82 -3.14 -18.55
C ALA C 23 18.53 -2.79 -19.27
N ARG C 24 17.94 -3.79 -19.90
CA ARG C 24 16.67 -3.63 -20.57
CA ARG C 24 16.68 -3.65 -20.62
C ARG C 24 15.65 -4.63 -20.06
N ASN C 25 14.44 -4.13 -19.77
CA ASN C 25 13.32 -4.97 -19.38
C ASN C 25 12.85 -5.66 -20.65
N LYS C 26 12.93 -6.99 -20.65
CA LYS C 26 12.61 -7.78 -21.84
C LYS C 26 11.13 -7.75 -22.23
N LEU C 27 10.27 -7.49 -21.25
CA LEU C 27 8.82 -7.53 -21.49
C LEU C 27 8.23 -6.17 -21.88
N THR C 28 8.75 -5.10 -21.29
CA THR C 28 8.22 -3.76 -21.50
C THR C 28 9.09 -2.93 -22.46
N GLY C 29 10.36 -3.33 -22.59
CA GLY C 29 11.33 -2.59 -23.39
C GLY C 29 12.07 -1.46 -22.69
N GLU C 30 11.64 -1.15 -21.46
CA GLU C 30 12.23 -0.07 -20.68
C GLU C 30 13.72 -0.29 -20.45
N VAL C 31 14.50 0.77 -20.64
CA VAL C 31 15.91 0.74 -20.32
C VAL C 31 16.09 1.34 -18.91
N VAL C 32 16.86 0.65 -18.08
CA VAL C 32 17.06 1.05 -16.69
C VAL C 32 18.54 1.05 -16.36
N ALA C 33 18.89 1.70 -15.27
CA ALA C 33 20.19 1.52 -14.65
C ALA C 33 20.01 0.70 -13.35
N LEU C 34 20.76 -0.40 -13.26
CA LEU C 34 20.75 -1.24 -12.09
C LEU C 34 21.97 -0.96 -11.22
N LYS C 35 21.72 -0.49 -10.01
CA LYS C 35 22.78 -0.32 -9.00
C LYS C 35 22.81 -1.57 -8.10
N LYS C 36 23.86 -2.37 -8.27
CA LYS C 36 24.03 -3.63 -7.57
C LYS C 36 24.85 -3.41 -6.31
N ILE C 37 24.27 -3.76 -5.16
CA ILE C 37 24.89 -3.60 -3.84
C ILE C 37 25.10 -4.99 -3.22
N ARG C 38 26.32 -5.35 -2.92
CA ARG C 38 26.54 -6.67 -2.32
C ARG C 38 26.28 -6.57 -0.83
N LEU C 39 25.66 -7.58 -0.28
CA LEU C 39 25.30 -7.56 1.12
C LEU C 39 26.27 -8.41 1.92
N ASP C 40 26.80 -7.86 3.01
CA ASP C 40 27.73 -8.58 3.89
C ASP C 40 26.93 -9.45 4.86
N THR C 41 26.38 -10.55 4.35
CA THR C 41 25.44 -11.42 5.07
C THR C 41 25.98 -12.23 6.28
N GLU C 42 27.30 -12.32 6.43
CA GLU C 42 27.89 -13.02 7.60
C GLU C 42 28.67 -12.04 8.47
N THR C 43 28.60 -10.77 8.10
CA THR C 43 29.52 -9.76 8.59
C THR C 43 28.78 -8.47 9.03
N GLU C 44 28.55 -7.52 8.12
CA GLU C 44 28.00 -6.22 8.54
C GLU C 44 26.60 -5.91 8.04
N GLY C 45 26.03 -6.80 7.22
CA GLY C 45 24.66 -6.64 6.71
C GLY C 45 24.50 -5.58 5.64
N VAL C 46 23.35 -4.92 5.65
CA VAL C 46 23.03 -3.94 4.62
C VAL C 46 23.78 -2.64 4.92
N PRO C 47 24.53 -2.11 3.92
CA PRO C 47 25.34 -0.91 4.18
C PRO C 47 24.48 0.30 4.50
N SER C 48 24.94 1.11 5.45
CA SER C 48 24.22 2.33 5.80
C SER C 48 23.97 3.27 4.60
N THR C 49 24.89 3.28 3.64
CA THR C 49 24.75 4.09 2.42
C THR C 49 23.56 3.65 1.57
N ALA C 50 23.34 2.33 1.49
CA ALA C 50 22.18 1.78 0.78
C ALA C 50 20.87 2.07 1.53
N ILE C 51 20.92 1.93 2.85
CA ILE C 51 19.75 2.21 3.70
C ILE C 51 19.28 3.68 3.54
N ARG C 52 20.22 4.61 3.69
CA ARG C 52 19.92 6.03 3.46
C ARG C 52 19.47 6.34 2.02
N GLU C 53 20.21 5.84 1.02
CA GLU C 53 19.85 6.14 -0.37
C GLU C 53 18.42 5.70 -0.69
N ILE C 54 18.08 4.47 -0.34
CA ILE C 54 16.75 3.92 -0.65
C ILE C 54 15.63 4.64 0.09
N SER C 55 15.78 4.81 1.40
CA SER C 55 14.73 5.44 2.20
C SER C 55 14.46 6.86 1.72
N LEU C 56 15.51 7.61 1.42
CA LEU C 56 15.35 9.00 0.99
C LEU C 56 14.84 9.11 -0.44
N LEU C 57 15.37 8.30 -1.34
CA LEU C 57 14.93 8.34 -2.72
C LEU C 57 13.49 7.84 -2.94
N LYS C 58 13.00 6.99 -2.04
CA LYS C 58 11.57 6.62 -2.02
C LYS C 58 10.65 7.79 -1.61
N GLU C 59 11.17 8.69 -0.79
CA GLU C 59 10.43 9.89 -0.36
C GLU C 59 10.44 10.98 -1.42
N LEU C 60 11.60 11.14 -2.08
CA LEU C 60 11.85 12.29 -2.94
C LEU C 60 11.39 12.06 -4.39
N ASN C 61 10.21 12.56 -4.74
CA ASN C 61 9.69 12.47 -6.10
C ASN C 61 9.68 13.86 -6.70
N HIS C 62 10.61 14.09 -7.61
CA HIS C 62 10.76 15.39 -8.27
C HIS C 62 11.39 15.17 -9.65
N PRO C 63 10.96 15.95 -10.66
CA PRO C 63 11.51 15.89 -12.03
C PRO C 63 13.03 15.97 -12.11
N ASN C 64 13.65 16.66 -11.16
CA ASN C 64 15.10 16.85 -11.19
C ASN C 64 15.87 16.02 -10.15
N ILE C 65 15.26 14.95 -9.73
CA ILE C 65 15.82 13.97 -8.83
C ILE C 65 15.64 12.61 -9.46
N VAL C 66 16.72 11.88 -9.61
CA VAL C 66 16.69 10.59 -10.22
C VAL C 66 15.61 9.68 -9.61
N LYS C 67 14.86 9.02 -10.46
CA LYS C 67 13.80 8.17 -10.03
C LYS C 67 14.15 6.75 -9.68
N LEU C 68 13.87 6.35 -8.46
CA LEU C 68 14.07 4.97 -8.04
C LEU C 68 12.80 4.22 -8.40
N LEU C 69 12.93 3.16 -9.19
CA LEU C 69 11.77 2.47 -9.75
C LEU C 69 11.37 1.24 -8.94
N ASP C 70 12.37 0.51 -8.45
CA ASP C 70 12.14 -0.74 -7.73
C ASP C 70 13.37 -1.05 -6.90
N VAL C 71 13.18 -1.91 -5.90
CA VAL C 71 14.29 -2.48 -5.14
C VAL C 71 14.08 -3.99 -5.16
N ILE C 72 15.07 -4.70 -5.65
CA ILE C 72 14.98 -6.14 -5.83
C ILE C 72 15.96 -6.81 -4.88
N HIS C 73 15.40 -7.58 -3.96
CA HIS C 73 16.16 -8.28 -2.93
C HIS C 73 16.51 -9.67 -3.38
N THR C 74 17.64 -10.14 -2.87
CA THR C 74 17.90 -11.54 -2.81
C THR C 74 18.47 -11.74 -1.42
N GLU C 75 18.79 -12.99 -1.09
CA GLU C 75 19.49 -13.30 0.13
C GLU C 75 20.85 -12.56 0.16
N ASN C 76 21.51 -12.46 -1.00
CA ASN C 76 22.90 -11.99 -1.10
C ASN C 76 23.18 -10.69 -1.89
N LYS C 77 22.20 -10.20 -2.64
CA LYS C 77 22.38 -8.99 -3.46
C LYS C 77 21.14 -8.09 -3.44
N LEU C 78 21.39 -6.79 -3.40
CA LEU C 78 20.35 -5.79 -3.53
C LEU C 78 20.57 -5.07 -4.88
N TYR C 79 19.50 -4.93 -5.65
CA TYR C 79 19.53 -4.19 -6.92
C TYR C 79 18.58 -3.02 -6.82
N LEU C 80 19.09 -1.80 -6.97
CA LEU C 80 18.25 -0.64 -7.14
C LEU C 80 18.00 -0.45 -8.63
N VAL C 81 16.73 -0.39 -9.01
CA VAL C 81 16.36 -0.15 -10.39
C VAL C 81 16.03 1.33 -10.53
N PHE C 82 16.81 2.03 -11.35
CA PHE C 82 16.62 3.44 -11.62
C PHE C 82 16.24 3.68 -13.06
N GLU C 83 15.57 4.81 -13.32
CA GLU C 83 15.44 5.31 -14.68
C GLU C 83 16.84 5.45 -15.29
N PHE C 84 16.98 5.11 -16.57
CA PHE C 84 18.26 5.26 -17.23
C PHE C 84 18.40 6.67 -17.81
N LEU C 85 19.55 7.31 -17.57
CA LEU C 85 19.82 8.59 -18.23
C LEU C 85 21.08 8.56 -19.06
N HIS C 86 21.04 9.25 -20.20
CA HIS C 86 22.03 9.12 -21.26
C HIS C 86 23.48 9.26 -20.82
N GLN C 87 23.78 10.35 -20.11
CA GLN C 87 25.12 10.53 -19.56
C GLN C 87 25.13 11.45 -18.35
N ASP C 88 26.32 11.65 -17.81
CA ASP C 88 26.53 12.54 -16.68
C ASP C 88 27.14 13.87 -17.16
N LEU C 89 26.97 14.90 -16.34
CA LEU C 89 27.42 16.25 -16.67
C LEU C 89 28.91 16.32 -16.90
N LYS C 90 29.67 15.52 -16.15
CA LYS C 90 31.12 15.53 -16.29
C LYS C 90 31.54 15.09 -17.71
N LYS C 91 30.96 14.00 -18.19
CA LYS C 91 31.26 13.52 -19.54
C LYS C 91 30.78 14.51 -20.60
N PHE C 92 29.66 15.19 -20.31
CA PHE C 92 29.11 16.19 -21.22
C PHE C 92 30.05 17.39 -21.32
N MET C 93 30.55 17.87 -20.18
CA MET C 93 31.48 18.99 -20.20
C MET C 93 32.78 18.66 -20.93
N ASP C 94 33.32 17.46 -20.70
CA ASP C 94 34.53 17.02 -21.41
C ASP C 94 34.31 16.94 -22.93
N ALA C 95 33.14 16.43 -23.33
CA ALA C 95 32.78 16.34 -24.74
C ALA C 95 32.62 17.74 -25.33
N SER C 96 32.32 18.71 -24.46
CA SER C 96 32.11 20.09 -24.87
C SER C 96 33.33 20.99 -24.64
N ALA C 97 34.47 20.36 -24.32
CA ALA C 97 35.67 21.11 -23.93
C ALA C 97 36.10 22.14 -24.97
N LEU C 98 35.97 21.79 -26.24
CA LEU C 98 36.37 22.65 -27.35
C LEU C 98 35.23 23.57 -27.84
N THR C 99 34.03 23.03 -27.99
CA THR C 99 32.87 23.79 -28.52
C THR C 99 32.30 24.76 -27.48
N GLY C 100 32.36 24.36 -26.22
CA GLY C 100 31.69 25.10 -25.14
C GLY C 100 30.24 24.66 -25.02
N ILE C 101 29.58 25.11 -23.97
CA ILE C 101 28.16 24.84 -23.72
C ILE C 101 27.40 26.16 -23.88
N PRO C 102 26.36 26.20 -24.73
CA PRO C 102 25.60 27.44 -24.87
C PRO C 102 25.03 27.93 -23.53
N LEU C 103 25.04 29.25 -23.32
CA LEU C 103 24.51 29.84 -22.10
C LEU C 103 23.08 29.42 -21.74
N PRO C 104 22.16 29.42 -22.72
CA PRO C 104 20.79 29.00 -22.38
C PRO C 104 20.71 27.60 -21.79
N LEU C 105 21.62 26.71 -22.23
CA LEU C 105 21.68 25.37 -21.66
C LEU C 105 22.28 25.37 -20.26
N ILE C 106 23.31 26.19 -20.02
CA ILE C 106 23.92 26.30 -18.69
C ILE C 106 22.89 26.83 -17.69
N LYS C 107 22.19 27.88 -18.11
CA LYS C 107 21.19 28.52 -17.28
C LYS C 107 20.10 27.52 -16.91
N SER C 108 19.63 26.77 -17.92
CA SER C 108 18.58 25.79 -17.73
C SER C 108 19.02 24.66 -16.80
N TYR C 109 20.23 24.17 -16.99
CA TYR C 109 20.78 23.13 -16.14
C TYR C 109 20.88 23.62 -14.69
N LEU C 110 21.43 24.80 -14.47
CA LEU C 110 21.54 25.35 -13.11
C LEU C 110 20.17 25.55 -12.45
N PHE C 111 19.22 26.07 -13.22
CA PHE C 111 17.85 26.29 -12.74
C PHE C 111 17.23 24.98 -12.28
N GLN C 112 17.40 23.94 -13.09
CA GLN C 112 16.87 22.63 -12.77
C GLN C 112 17.56 22.00 -11.55
N LEU C 113 18.89 22.15 -11.47
CA LEU C 113 19.66 21.66 -10.32
C LEU C 113 19.19 22.32 -9.00
N LEU C 114 18.86 23.60 -9.06
CA LEU C 114 18.38 24.33 -7.89
C LEU C 114 16.98 23.90 -7.46
N GLN C 115 16.15 23.55 -8.44
CA GLN C 115 14.79 23.05 -8.17
C GLN C 115 14.84 21.70 -7.48
N GLY C 116 15.65 20.79 -8.02
CA GLY C 116 15.91 19.49 -7.39
C GLY C 116 16.49 19.64 -6.00
N LEU C 117 17.41 20.59 -5.84
CA LEU C 117 18.07 20.79 -4.57
C LEU C 117 17.18 21.47 -3.51
N ALA C 118 16.40 22.47 -3.93
CA ALA C 118 15.43 23.09 -3.03
C ALA C 118 14.39 22.07 -2.55
N PHE C 119 14.04 21.13 -3.43
CA PHE C 119 13.12 20.05 -3.07
C PHE C 119 13.76 19.18 -1.99
N CYS C 120 15.05 18.86 -2.16
CA CYS C 120 15.79 18.09 -1.16
C CYS C 120 15.77 18.80 0.21
N HIS C 121 16.16 20.07 0.21
CA HIS C 121 16.29 20.83 1.46
C HIS C 121 14.93 21.07 2.13
N SER C 122 13.88 21.23 1.32
CA SER C 122 12.49 21.34 1.81
C SER C 122 12.00 20.06 2.46
N HIS C 123 12.66 18.96 2.14
CA HIS C 123 12.30 17.64 2.68
C HIS C 123 13.37 17.11 3.60
N ARG C 124 14.08 18.05 4.23
CA ARG C 124 15.17 17.82 5.21
C ARG C 124 16.25 16.81 4.75
N VAL C 125 16.62 16.87 3.48
CA VAL C 125 17.71 16.01 2.95
C VAL C 125 18.92 16.84 2.49
N LEU C 126 20.10 16.56 3.04
CA LEU C 126 21.37 17.05 2.48
C LEU C 126 21.89 16.00 1.50
N HIS C 127 22.32 16.44 0.32
CA HIS C 127 22.92 15.53 -0.66
C HIS C 127 24.38 15.20 -0.32
N ARG C 128 25.20 16.24 -0.17
CA ARG C 128 26.59 16.14 0.33
C ARG C 128 27.59 15.48 -0.64
N ASP C 129 27.19 15.32 -1.90
CA ASP C 129 28.16 14.84 -2.91
C ASP C 129 27.78 15.35 -4.31
N LEU C 130 27.44 16.62 -4.39
CA LEU C 130 27.17 17.27 -5.68
C LEU C 130 28.49 17.54 -6.41
N LYS C 131 28.81 16.64 -7.33
CA LYS C 131 29.91 16.80 -8.28
C LYS C 131 29.29 16.46 -9.64
N PRO C 132 29.92 16.90 -10.76
CA PRO C 132 29.33 16.72 -12.08
C PRO C 132 29.07 15.26 -12.47
N GLN C 133 29.87 14.31 -11.96
CA GLN C 133 29.59 12.91 -12.29
C GLN C 133 28.35 12.32 -11.59
N ASN C 134 27.83 13.02 -10.57
CA ASN C 134 26.58 12.62 -9.93
C ASN C 134 25.36 13.33 -10.48
N LEU C 135 25.55 14.12 -11.55
CA LEU C 135 24.46 14.87 -12.16
C LEU C 135 24.23 14.29 -13.54
N LEU C 136 23.00 13.86 -13.82
CA LEU C 136 22.71 13.07 -15.02
C LEU C 136 21.78 13.79 -15.96
N ILE C 137 22.07 13.68 -17.25
CA ILE C 137 21.33 14.42 -18.26
C ILE C 137 20.72 13.45 -19.27
N ASN C 138 19.55 13.82 -19.80
CA ASN C 138 18.96 13.08 -20.89
C ASN C 138 19.06 13.86 -22.21
N THR C 139 18.52 13.28 -23.28
CA THR C 139 18.59 13.88 -24.61
C THR C 139 17.55 14.98 -24.82
N GLU C 140 16.68 15.16 -23.84
CA GLU C 140 15.57 16.12 -23.94
C GLU C 140 15.76 17.44 -23.19
N GLY C 141 16.87 17.60 -22.49
CA GLY C 141 17.16 18.85 -21.77
C GLY C 141 17.07 18.82 -20.25
N ALA C 142 16.70 17.66 -19.70
CA ALA C 142 16.62 17.52 -18.26
C ALA C 142 17.98 17.18 -17.65
N ILE C 143 18.16 17.62 -16.42
CA ILE C 143 19.29 17.22 -15.58
C ILE C 143 18.70 16.84 -14.22
N LYS C 144 19.28 15.82 -13.59
CA LYS C 144 18.76 15.24 -12.34
C LYS C 144 19.87 14.93 -11.35
N LEU C 145 19.61 15.20 -10.08
CA LEU C 145 20.53 14.81 -9.00
C LEU C 145 20.46 13.30 -8.86
N ALA C 146 21.61 12.67 -8.77
CA ALA C 146 21.69 11.24 -8.56
C ALA C 146 22.74 10.89 -7.49
N ASP C 147 22.82 9.61 -7.17
CA ASP C 147 23.70 9.05 -6.13
C ASP C 147 23.54 9.70 -4.75
N PHE C 148 22.54 9.22 -4.04
CA PHE C 148 22.22 9.70 -2.69
C PHE C 148 22.84 8.78 -1.63
N GLY C 149 23.89 8.05 -1.99
CA GLY C 149 24.61 7.20 -1.03
C GLY C 149 25.22 7.96 0.13
N LEU C 150 25.58 9.22 -0.11
CA LEU C 150 26.21 10.10 0.90
C LEU C 150 25.25 11.12 1.49
N ALA C 151 23.97 10.99 1.16
CA ALA C 151 22.94 11.89 1.64
C ALA C 151 22.60 11.59 3.10
N ARG C 152 21.97 12.56 3.78
CA ARG C 152 21.29 12.25 5.03
C ARG C 152 20.09 13.14 5.34
N ALA C 153 19.18 12.57 6.11
CA ALA C 153 18.02 13.27 6.62
C ALA C 153 18.49 14.11 7.80
N PHE C 154 18.36 15.43 7.72
CA PHE C 154 18.81 16.29 8.82
C PHE C 154 17.69 16.72 9.76
N GLY C 155 18.08 17.24 10.91
CA GLY C 155 17.13 17.79 11.89
C GLY C 155 17.24 19.30 11.94
N VAL C 156 16.26 19.93 12.58
CA VAL C 156 16.21 21.38 12.74
C VAL C 156 16.19 21.73 14.23
N PRO C 157 17.26 22.37 14.74
CA PRO C 157 18.48 22.73 14.00
C PRO C 157 19.39 21.50 13.79
N VAL C 158 20.36 21.62 12.88
CA VAL C 158 21.29 20.53 12.58
C VAL C 158 22.12 20.12 13.81
N ARG C 159 22.48 18.84 13.86
CA ARG C 159 23.52 18.30 14.75
C ARG C 159 24.86 18.30 14.00
N THR C 160 25.94 17.99 14.71
CA THR C 160 27.21 17.65 14.06
C THR C 160 26.99 16.34 13.26
N TYR C 161 27.32 16.37 11.98
CA TYR C 161 27.23 15.18 11.14
C TYR C 161 28.62 14.73 10.70
N TPO C 162 28.65 13.73 9.83
CA TPO C 162 29.90 13.16 9.33
CB TPO C 162 29.70 11.98 8.40
CG2 TPO C 162 30.98 11.29 8.02
OG1 TPO C 162 28.83 11.05 8.98
P TPO C 162 27.35 10.86 8.54
O1P TPO C 162 27.39 10.56 7.16
O2P TPO C 162 26.77 12.12 8.72
O3P TPO C 162 26.76 9.86 9.32
C TPO C 162 30.82 14.19 8.77
O TPO C 162 30.42 14.97 7.97
N HIS C 163 32.06 14.20 9.18
CA HIS C 163 32.96 15.16 8.67
C HIS C 163 33.45 14.91 7.28
N GLU C 164 33.79 13.70 6.95
CA GLU C 164 34.30 13.41 5.63
C GLU C 164 33.63 14.32 4.57
N VAL C 165 32.63 13.80 3.93
CA VAL C 165 31.70 14.55 3.12
C VAL C 165 32.13 15.51 2.07
N VAL C 166 31.60 15.28 0.90
CA VAL C 166 31.85 16.03 -0.29
C VAL C 166 33.25 15.83 -0.86
N THR C 167 33.29 15.43 -2.11
CA THR C 167 34.55 15.31 -2.84
C THR C 167 35.31 16.64 -2.74
N LEU C 168 36.63 16.56 -2.50
CA LEU C 168 37.46 17.73 -2.15
C LEU C 168 37.18 19.00 -2.95
N TRP C 169 37.12 18.88 -4.27
CA TRP C 169 37.02 20.07 -5.14
C TRP C 169 35.72 20.83 -4.97
N TYR C 170 34.71 20.17 -4.37
CA TYR C 170 33.35 20.74 -4.25
C TYR C 170 32.96 20.99 -2.80
N ARG C 171 33.94 20.89 -1.91
CA ARG C 171 33.76 20.95 -0.47
C ARG C 171 33.80 22.39 0.04
N ALA C 172 32.74 22.79 0.75
CA ALA C 172 32.60 24.15 1.29
C ALA C 172 33.65 24.44 2.34
N PRO C 173 34.05 25.73 2.49
CA PRO C 173 35.07 26.05 3.50
C PRO C 173 34.71 25.68 4.95
N GLU C 174 33.41 25.69 5.31
CA GLU C 174 32.99 25.27 6.67
C GLU C 174 33.29 23.80 7.00
N ILE C 175 33.29 22.95 5.98
CA ILE C 175 33.72 21.56 6.13
C ILE C 175 35.25 21.46 6.18
N LEU C 176 35.92 22.18 5.28
CA LEU C 176 37.39 22.22 5.24
C LEU C 176 38.01 22.70 6.54
N LEU C 177 37.39 23.70 7.15
CA LEU C 177 37.90 24.24 8.41
C LEU C 177 37.43 23.44 9.63
N GLY C 178 36.54 22.47 9.39
CA GLY C 178 36.09 21.54 10.42
C GLY C 178 35.20 22.16 11.47
N CYS C 179 34.30 23.05 11.05
CA CYS C 179 33.29 23.63 11.93
C CYS C 179 32.41 22.55 12.54
N LYS C 180 31.96 22.79 13.77
CA LYS C 180 31.13 21.85 14.50
C LYS C 180 29.89 21.51 13.67
N TYR C 181 29.26 22.54 13.12
CA TYR C 181 28.05 22.36 12.32
C TYR C 181 28.24 22.73 10.86
N TYR C 182 27.52 22.02 9.99
CA TYR C 182 27.28 22.45 8.63
C TYR C 182 25.84 22.12 8.27
N SER C 183 25.32 22.82 7.26
CA SER C 183 23.92 22.75 6.92
C SER C 183 23.72 22.77 5.40
N THR C 184 22.55 23.20 4.95
CA THR C 184 22.18 23.17 3.54
C THR C 184 23.13 23.97 2.66
N ALA C 185 23.79 24.97 3.25
CA ALA C 185 24.76 25.81 2.52
C ALA C 185 25.88 25.02 1.83
N VAL C 186 26.24 23.84 2.37
CA VAL C 186 27.29 23.04 1.76
C VAL C 186 26.92 22.54 0.36
N ASP C 187 25.65 22.25 0.12
CA ASP C 187 25.19 21.81 -1.19
C ASP C 187 25.16 22.96 -2.19
N ILE C 188 24.86 24.16 -1.68
CA ILE C 188 24.85 25.36 -2.51
C ILE C 188 26.27 25.68 -2.99
N TRP C 189 27.24 25.59 -2.07
CA TRP C 189 28.65 25.78 -2.42
C TRP C 189 29.02 24.89 -3.60
N SER C 190 28.67 23.60 -3.49
CA SER C 190 28.96 22.62 -4.54
C SER C 190 28.34 23.02 -5.89
N LEU C 191 27.07 23.42 -5.89
CA LEU C 191 26.41 23.86 -7.13
C LEU C 191 27.03 25.14 -7.68
N GLY C 192 27.55 25.98 -6.80
CA GLY C 192 28.31 27.17 -7.20
C GLY C 192 29.55 26.77 -7.98
N CYS C 193 30.27 25.78 -7.48
CA CYS C 193 31.44 25.28 -8.18
C CYS C 193 31.04 24.64 -9.51
N ILE C 194 29.90 23.96 -9.53
CA ILE C 194 29.39 23.31 -10.76
C ILE C 194 28.97 24.33 -11.82
N PHE C 195 28.30 25.39 -11.38
CA PHE C 195 27.95 26.54 -12.25
C PHE C 195 29.18 27.04 -12.99
N ALA C 196 30.20 27.44 -12.23
CA ALA C 196 31.43 27.95 -12.79
C ALA C 196 32.05 26.94 -13.75
N GLU C 197 31.96 25.65 -13.38
CA GLU C 197 32.57 24.58 -14.17
C GLU C 197 31.86 24.34 -15.52
N MET C 198 30.54 24.54 -15.56
CA MET C 198 29.78 24.49 -16.81
C MET C 198 30.20 25.60 -17.77
N VAL C 199 30.49 26.78 -17.21
CA VAL C 199 30.95 27.93 -17.98
C VAL C 199 32.35 27.73 -18.59
N THR C 200 33.29 27.16 -17.82
CA THR C 200 34.68 27.00 -18.27
C THR C 200 35.06 25.58 -18.75
N ARG C 201 34.22 24.60 -18.44
CA ARG C 201 34.55 23.15 -18.58
C ARG C 201 35.83 22.73 -17.83
N ARG C 202 36.17 23.47 -16.79
CA ARG C 202 37.28 23.16 -15.88
C ARG C 202 36.79 23.34 -14.46
N ALA C 203 37.22 22.45 -13.56
CA ALA C 203 36.90 22.60 -12.14
C ALA C 203 37.38 23.95 -11.61
N LEU C 204 36.54 24.59 -10.78
CA LEU C 204 36.85 25.92 -10.24
C LEU C 204 38.02 25.91 -9.25
N PHE C 205 37.99 24.96 -8.32
CA PHE C 205 39.00 24.85 -7.28
C PHE C 205 39.55 23.42 -7.26
N PRO C 206 40.47 23.09 -8.20
CA PRO C 206 40.98 21.71 -8.26
C PRO C 206 42.14 21.46 -7.29
N GLY C 207 41.86 21.52 -5.99
CA GLY C 207 42.88 21.37 -4.95
C GLY C 207 43.59 20.02 -4.99
N ASP C 208 44.88 20.05 -4.65
CA ASP C 208 45.70 18.83 -4.58
C ASP C 208 45.67 18.22 -3.19
N SER C 209 45.30 19.05 -2.21
CA SER C 209 45.23 18.68 -0.81
C SER C 209 44.27 19.64 -0.15
N GLU C 210 43.98 19.41 1.13
CA GLU C 210 43.12 20.31 1.89
C GLU C 210 43.68 21.73 2.01
N ILE C 211 44.98 21.87 2.27
CA ILE C 211 45.58 23.19 2.35
C ILE C 211 45.54 23.92 1.01
N ASP C 212 45.91 23.20 -0.05
CA ASP C 212 45.91 23.74 -1.40
C ASP C 212 44.49 24.15 -1.81
N GLN C 213 43.52 23.34 -1.38
CA GLN C 213 42.09 23.61 -1.59
C GLN C 213 41.69 24.95 -0.96
N LEU C 214 42.09 25.15 0.29
CA LEU C 214 41.79 26.39 1.01
C LEU C 214 42.46 27.60 0.37
N PHE C 215 43.68 27.42 -0.12
CA PHE C 215 44.47 28.50 -0.71
C PHE C 215 43.84 28.93 -2.03
N ARG C 216 43.39 27.95 -2.81
CA ARG C 216 42.67 28.19 -4.06
C ARG C 216 41.38 28.98 -3.84
N ILE C 217 40.70 28.69 -2.74
CA ILE C 217 39.44 29.38 -2.37
C ILE C 217 39.75 30.79 -1.85
N PHE C 218 40.73 30.89 -0.96
CA PHE C 218 41.19 32.17 -0.41
C PHE C 218 41.64 33.16 -1.48
N ARG C 219 42.38 32.70 -2.48
CA ARG C 219 42.91 33.62 -3.48
C ARG C 219 41.85 34.12 -4.46
N THR C 220 41.07 33.19 -5.02
CA THR C 220 40.04 33.50 -6.02
C THR C 220 38.98 34.46 -5.47
N LEU C 221 38.54 34.22 -4.24
CA LEU C 221 37.41 34.93 -3.67
C LEU C 221 37.82 36.08 -2.73
N GLY C 222 39.09 36.10 -2.32
CA GLY C 222 39.59 37.11 -1.40
C GLY C 222 40.05 36.47 -0.10
N THR C 223 41.34 36.66 0.21
CA THR C 223 41.98 36.04 1.38
C THR C 223 41.58 36.74 2.67
N PHE C 250 36.58 39.78 -10.16
CA PHE C 250 35.74 38.58 -10.14
C PHE C 250 35.44 38.11 -11.57
N SER C 251 35.29 39.06 -12.48
CA SER C 251 34.99 38.77 -13.89
C SER C 251 36.19 38.13 -14.61
N LYS C 252 37.27 37.94 -13.88
CA LYS C 252 38.51 37.38 -14.41
C LYS C 252 38.51 35.85 -14.32
N VAL C 253 38.02 35.33 -13.19
CA VAL C 253 37.97 33.88 -12.93
C VAL C 253 37.00 33.16 -13.86
N VAL C 254 35.80 33.72 -14.00
CA VAL C 254 34.79 33.22 -14.94
C VAL C 254 34.44 34.32 -15.95
N PRO C 255 35.21 34.42 -17.05
CA PRO C 255 35.07 35.46 -18.08
C PRO C 255 33.75 35.55 -18.87
N PRO C 256 33.25 34.43 -19.46
CA PRO C 256 32.10 34.58 -20.36
C PRO C 256 30.76 34.89 -19.69
N LEU C 257 30.78 35.09 -18.37
CA LEU C 257 29.55 35.23 -17.58
C LEU C 257 29.10 36.68 -17.44
N ASP C 258 27.81 36.91 -17.70
CA ASP C 258 27.19 38.23 -17.60
C ASP C 258 27.12 38.76 -16.17
N GLU C 259 26.62 39.99 -16.00
CA GLU C 259 26.54 40.63 -14.68
C GLU C 259 25.62 39.88 -13.70
N ASP C 260 24.50 39.38 -14.21
CA ASP C 260 23.54 38.64 -13.39
C ASP C 260 24.09 37.26 -12.99
N GLY C 261 24.76 36.59 -13.92
CA GLY C 261 25.42 35.32 -13.67
C GLY C 261 26.50 35.46 -12.61
N ARG C 262 27.36 36.47 -12.76
CA ARG C 262 28.41 36.78 -11.79
C ARG C 262 27.87 37.09 -10.39
N SER C 263 26.75 37.83 -10.33
CA SER C 263 26.08 38.14 -9.07
C SER C 263 25.61 36.87 -8.34
N LEU C 264 24.94 35.99 -9.08
CA LEU C 264 24.43 34.74 -8.53
C LEU C 264 25.58 33.83 -8.07
N LEU C 265 26.60 33.70 -8.90
CA LEU C 265 27.77 32.87 -8.57
C LEU C 265 28.45 33.33 -7.28
N SER C 266 28.62 34.64 -7.12
CA SER C 266 29.27 35.15 -5.92
C SER C 266 28.41 34.95 -4.67
N GLN C 267 27.09 34.90 -4.87
CA GLN C 267 26.14 34.60 -3.78
C GLN C 267 26.14 33.11 -3.39
N MET C 268 26.34 32.24 -4.37
CA MET C 268 26.44 30.80 -4.12
C MET C 268 27.79 30.45 -3.50
N LEU C 269 28.78 31.31 -3.69
CA LEU C 269 30.11 31.05 -3.15
C LEU C 269 30.51 32.00 -2.01
N HIS C 270 29.51 32.52 -1.29
CA HIS C 270 29.81 33.34 -0.11
C HIS C 270 30.57 32.50 0.92
N TYR C 271 31.65 33.09 1.45
CA TYR C 271 32.45 32.46 2.51
C TYR C 271 31.61 32.04 3.71
N ASP C 272 30.75 32.97 4.14
CA ASP C 272 29.88 32.79 5.30
C ASP C 272 28.63 32.01 4.89
N PRO C 273 28.45 30.81 5.49
CA PRO C 273 27.32 29.92 5.21
C PRO C 273 25.97 30.54 5.56
N ASN C 274 25.94 31.41 6.58
CA ASN C 274 24.73 32.14 6.96
C ASN C 274 24.33 33.17 5.92
N LYS C 275 25.31 33.65 5.16
CA LYS C 275 25.07 34.67 4.12
C LYS C 275 24.94 34.09 2.70
N ARG C 276 25.43 32.86 2.51
CA ARG C 276 25.28 32.13 1.25
C ARG C 276 23.80 32.03 0.86
N ILE C 277 23.52 32.20 -0.44
CA ILE C 277 22.16 32.12 -0.96
C ILE C 277 21.56 30.72 -0.77
N SER C 278 20.25 30.65 -0.55
CA SER C 278 19.55 29.35 -0.51
C SER C 278 19.14 28.94 -1.93
N ALA C 279 18.92 27.65 -2.14
CA ALA C 279 18.39 27.17 -3.42
C ALA C 279 17.08 27.90 -3.77
N LYS C 280 16.23 28.05 -2.76
CA LYS C 280 14.95 28.73 -2.88
C LYS C 280 15.14 30.17 -3.36
N ALA C 281 16.01 30.93 -2.69
CA ALA C 281 16.26 32.32 -3.06
C ALA C 281 16.99 32.47 -4.40
N ALA C 282 17.83 31.49 -4.73
CA ALA C 282 18.54 31.48 -6.01
C ALA C 282 17.58 31.32 -7.19
N LEU C 283 16.50 30.57 -6.99
CA LEU C 283 15.51 30.37 -8.04
C LEU C 283 14.81 31.67 -8.45
N ALA C 284 14.79 32.66 -7.55
CA ALA C 284 14.16 33.96 -7.82
C ALA C 284 15.12 34.99 -8.43
N HIS C 285 16.42 34.65 -8.49
CA HIS C 285 17.46 35.55 -9.02
C HIS C 285 17.19 36.01 -10.46
N PRO C 286 17.47 37.31 -10.78
CA PRO C 286 17.31 37.87 -12.14
C PRO C 286 17.93 37.03 -13.26
N PHE C 287 19.00 36.31 -12.94
CA PHE C 287 19.69 35.45 -13.90
C PHE C 287 18.73 34.50 -14.62
N PHE C 288 17.71 34.03 -13.90
CA PHE C 288 16.77 33.04 -14.44
C PHE C 288 15.51 33.65 -15.07
N GLN C 289 15.44 34.98 -15.12
CA GLN C 289 14.30 35.68 -15.75
C GLN C 289 13.93 35.11 -17.12
N ASP C 290 14.95 34.86 -17.95
CA ASP C 290 14.74 34.40 -19.33
C ASP C 290 15.08 32.92 -19.57
N VAL C 291 15.01 32.10 -18.51
CA VAL C 291 15.37 30.69 -18.61
C VAL C 291 14.43 29.90 -19.55
N THR C 292 15.02 29.08 -20.43
CA THR C 292 14.27 28.17 -21.30
C THR C 292 14.68 26.73 -20.99
N LYS C 293 14.33 25.80 -21.87
CA LYS C 293 14.76 24.41 -21.75
C LYS C 293 15.33 23.87 -23.07
N PRO C 294 16.56 24.28 -23.43
CA PRO C 294 17.18 23.79 -24.66
C PRO C 294 17.56 22.31 -24.61
N VAL C 295 17.68 21.71 -25.78
CA VAL C 295 18.18 20.35 -25.94
C VAL C 295 19.72 20.39 -26.03
N PRO C 296 20.41 19.46 -25.33
CA PRO C 296 21.88 19.45 -25.43
C PRO C 296 22.37 18.90 -26.78
N HIS C 297 23.57 19.31 -27.18
CA HIS C 297 24.18 18.83 -28.42
C HIS C 297 24.82 17.47 -28.20
N LEU C 298 24.01 16.42 -28.20
CA LEU C 298 24.46 15.06 -27.84
C LEU C 298 24.74 14.16 -29.03
N SER D 1 20.70 31.35 12.23
CA SER D 1 21.46 31.22 10.99
C SER D 1 21.01 30.00 10.19
N VAL D 2 22.00 29.73 9.23
CA VAL D 2 21.72 28.63 8.34
C VAL D 2 21.54 27.31 9.05
N ASN D 3 22.12 27.14 10.21
CA ASN D 3 21.93 25.91 10.91
C ASN D 3 20.49 25.67 11.37
N GLU D 4 19.60 26.66 11.21
CA GLU D 4 18.24 26.57 11.70
C GLU D 4 16.82 26.62 11.13
N VAL D 5 16.45 26.49 9.89
CA VAL D 5 17.22 26.53 8.66
C VAL D 5 16.27 27.53 8.01
N PRO D 6 16.60 28.83 8.03
CA PRO D 6 15.59 29.90 7.84
C PRO D 6 14.63 29.69 6.68
N ASP D 7 15.13 29.33 5.51
CA ASP D 7 14.31 29.26 4.31
C ASP D 7 13.53 27.95 4.15
N TYR D 8 13.74 26.99 5.06
CA TYR D 8 13.09 25.67 4.93
C TYR D 8 12.33 25.17 6.16
N HIS D 9 12.52 25.80 7.30
CA HIS D 9 12.00 25.27 8.55
C HIS D 9 10.49 25.04 8.54
N GLU D 10 9.73 25.95 7.95
CA GLU D 10 8.27 25.75 7.88
C GLU D 10 7.88 24.66 6.87
N ASP D 11 8.60 24.60 5.74
CA ASP D 11 8.41 23.51 4.76
C ASP D 11 8.68 22.14 5.38
N ILE D 12 9.80 22.04 6.09
CA ILE D 12 10.20 20.80 6.78
C ILE D 12 9.17 20.39 7.83
N HIS D 13 8.69 21.35 8.63
CA HIS D 13 7.70 21.08 9.67
C HIS D 13 6.40 20.54 9.09
N THR D 14 5.91 21.21 8.05
CA THR D 14 4.72 20.76 7.33
C THR D 14 4.90 19.33 6.81
N TYR D 15 6.08 19.04 6.24
CA TYR D 15 6.39 17.72 5.71
C TYR D 15 6.45 16.65 6.81
N LEU D 16 7.08 16.98 7.92
CA LEU D 16 7.19 16.05 9.03
C LEU D 16 5.82 15.76 9.62
N ARG D 17 4.97 16.77 9.66
CA ARG D 17 3.59 16.62 10.10
C ARG D 17 2.80 15.67 9.20
N GLU D 18 3.07 15.73 7.89
CA GLU D 18 2.54 14.77 6.92
C GLU D 18 3.12 13.36 7.09
N MET D 19 4.42 13.27 7.33
CA MET D 19 5.07 11.96 7.39
C MET D 19 4.79 11.18 8.68
N GLU D 20 4.55 11.87 9.77
CA GLU D 20 4.27 11.21 11.06
C GLU D 20 2.95 10.45 11.00
N VAL D 21 1.98 10.97 10.25
CA VAL D 21 0.73 10.26 9.99
C VAL D 21 1.01 8.98 9.20
N LYS D 22 1.85 9.07 8.15
CA LYS D 22 2.18 7.92 7.30
C LYS D 22 3.03 6.84 8.00
N CYS D 23 3.85 7.26 8.96
CA CYS D 23 4.76 6.35 9.69
C CYS D 23 4.19 5.88 11.02
N LYS D 24 2.95 6.26 11.31
CA LYS D 24 2.30 5.90 12.57
C LYS D 24 1.99 4.40 12.62
N PRO D 25 2.44 3.71 13.68
CA PRO D 25 2.06 2.31 13.83
C PRO D 25 0.57 2.17 14.14
N LYS D 26 0.04 0.95 14.01
CA LYS D 26 -1.37 0.72 14.27
C LYS D 26 -1.63 0.74 15.78
N VAL D 27 -2.57 1.60 16.17
CA VAL D 27 -2.88 1.90 17.58
C VAL D 27 -3.16 0.68 18.45
N GLY D 28 -3.91 -0.29 17.92
CA GLY D 28 -4.25 -1.45 18.73
C GLY D 28 -3.56 -2.74 18.32
N TYR D 29 -2.25 -2.68 18.08
CA TYR D 29 -1.55 -3.86 17.53
C TYR D 29 -1.31 -4.98 18.54
N MET D 30 -1.07 -4.63 19.81
CA MET D 30 -0.75 -5.64 20.82
C MET D 30 -1.92 -6.60 21.11
N LYS D 31 -3.14 -6.10 20.93
CA LYS D 31 -4.34 -6.92 21.07
C LYS D 31 -4.35 -8.05 20.05
N LYS D 32 -3.67 -7.83 18.92
CA LYS D 32 -3.59 -8.81 17.83
C LYS D 32 -2.30 -9.65 17.86
N GLN D 33 -1.44 -9.41 18.85
CA GLN D 33 -0.24 -10.21 19.07
C GLN D 33 -0.55 -11.29 20.11
N PRO D 34 -0.65 -12.56 19.67
CA PRO D 34 -1.08 -13.60 20.62
C PRO D 34 -0.03 -13.97 21.68
N ASP D 35 1.25 -13.69 21.42
CA ASP D 35 2.31 -14.16 22.32
C ASP D 35 3.01 -13.05 23.14
N ILE D 36 2.77 -11.79 22.80
CA ILE D 36 3.46 -10.66 23.46
C ILE D 36 2.48 -9.58 23.94
N THR D 37 2.94 -8.75 24.87
CA THR D 37 2.09 -7.78 25.56
C THR D 37 2.76 -6.43 25.67
N ASN D 38 1.99 -5.41 26.07
CA ASN D 38 2.53 -4.08 26.36
C ASN D 38 3.65 -4.12 27.42
N SER D 39 3.51 -5.02 28.39
CA SER D 39 4.51 -5.19 29.47
C SER D 39 5.85 -5.67 28.92
N MET D 40 5.81 -6.63 28.00
CA MET D 40 7.03 -7.15 27.38
C MET D 40 7.70 -6.07 26.52
N ARG D 41 6.87 -5.29 25.83
CA ARG D 41 7.35 -4.17 25.00
C ARG D 41 8.06 -3.12 25.87
N ALA D 42 7.49 -2.84 27.04
CA ALA D 42 8.10 -1.91 28.00
C ALA D 42 9.47 -2.37 28.47
N ILE D 43 9.62 -3.66 28.77
CA ILE D 43 10.91 -4.25 29.08
C ILE D 43 11.91 -4.05 27.92
N LEU D 44 11.42 -4.22 26.69
CA LEU D 44 12.25 -4.13 25.50
C LEU D 44 12.77 -2.70 25.28
N VAL D 45 11.87 -1.74 25.39
CA VAL D 45 12.19 -0.33 25.17
C VAL D 45 13.14 0.18 26.27
N ASP D 46 12.87 -0.23 27.51
CA ASP D 46 13.76 0.12 28.62
C ASP D 46 15.18 -0.43 28.42
N TRP D 47 15.26 -1.66 27.92
CA TRP D 47 16.56 -2.26 27.59
C TRP D 47 17.28 -1.48 26.48
N LEU D 48 16.52 -1.02 25.48
CA LEU D 48 17.08 -0.19 24.41
C LEU D 48 17.63 1.13 24.92
N VAL D 49 16.97 1.71 25.93
CA VAL D 49 17.50 2.89 26.62
C VAL D 49 18.90 2.60 27.20
N GLU D 50 19.05 1.47 27.90
CA GLU D 50 20.33 1.05 28.48
C GLU D 50 21.42 0.88 27.42
N VAL D 51 21.03 0.25 26.31
CA VAL D 51 21.92 0.04 25.17
C VAL D 51 22.40 1.37 24.62
N GLY D 52 21.46 2.29 24.39
CA GLY D 52 21.76 3.63 23.91
C GLY D 52 22.74 4.35 24.84
N GLU D 53 22.56 4.18 26.14
CA GLU D 53 23.48 4.75 27.12
C GLU D 53 24.86 4.09 27.13
N GLU D 54 24.89 2.76 27.07
CA GLU D 54 26.14 2.01 27.05
C GLU D 54 27.02 2.39 25.85
N TYR D 55 26.39 2.58 24.70
CA TYR D 55 27.13 2.89 23.47
C TYR D 55 27.14 4.37 23.09
N LYS D 56 26.66 5.21 24.01
CA LYS D 56 26.59 6.67 23.82
C LYS D 56 25.93 7.04 22.47
N LEU D 57 24.77 6.47 22.23
CA LEU D 57 23.99 6.72 21.01
C LEU D 57 23.15 7.97 21.15
N GLN D 58 22.74 8.53 20.01
CA GLN D 58 21.86 9.70 20.00
C GLN D 58 20.50 9.30 20.51
N ASN D 59 19.84 10.20 21.24
CA ASN D 59 18.46 9.95 21.62
C ASN D 59 17.59 9.72 20.39
N GLU D 60 17.90 10.42 19.30
CA GLU D 60 17.15 10.26 18.05
C GLU D 60 17.14 8.79 17.58
N THR D 61 18.29 8.11 17.70
CA THR D 61 18.45 6.70 17.35
C THR D 61 17.49 5.79 18.13
N LEU D 62 17.40 6.02 19.44
CA LEU D 62 16.42 5.33 20.30
C LEU D 62 14.97 5.53 19.81
N HIS D 63 14.60 6.78 19.53
CA HIS D 63 13.25 7.07 19.04
C HIS D 63 12.94 6.37 17.71
N LEU D 64 13.91 6.35 16.81
CA LEU D 64 13.76 5.68 15.52
C LEU D 64 13.56 4.17 15.71
N ALA D 65 14.39 3.57 16.55
CA ALA D 65 14.31 2.13 16.82
C ALA D 65 12.93 1.71 17.31
N VAL D 66 12.37 2.48 18.26
CA VAL D 66 11.02 2.27 18.77
C VAL D 66 9.93 2.35 17.67
N ASN D 67 10.06 3.35 16.80
CA ASN D 67 9.15 3.46 15.67
C ASN D 67 9.25 2.24 14.74
N TYR D 68 10.46 1.78 14.48
CA TYR D 68 10.65 0.61 13.59
C TYR D 68 10.02 -0.64 14.22
N ILE D 69 10.20 -0.80 15.53
CA ILE D 69 9.66 -1.94 16.28
C ILE D 69 8.12 -1.94 16.24
N ASP D 70 7.52 -0.81 16.61
CA ASP D 70 6.06 -0.69 16.61
C ASP D 70 5.45 -0.96 15.23
N ARG D 71 6.05 -0.41 14.18
CA ARG D 71 5.60 -0.67 12.81
C ARG D 71 5.79 -2.14 12.40
N PHE D 72 6.93 -2.73 12.77
CA PHE D 72 7.17 -4.15 12.48
C PHE D 72 6.10 -5.05 13.13
N LEU D 73 5.85 -4.81 14.42
CA LEU D 73 4.88 -5.58 15.20
C LEU D 73 3.43 -5.25 14.82
N SER D 74 3.23 -4.13 14.14
CA SER D 74 1.92 -3.80 13.56
C SER D 74 1.53 -4.72 12.41
N SER D 75 2.50 -5.40 11.80
CA SER D 75 2.16 -6.33 10.71
C SER D 75 2.72 -7.75 10.83
N MET D 76 3.60 -7.99 11.79
CA MET D 76 4.22 -9.31 11.94
C MET D 76 3.99 -9.89 13.33
N SER D 77 3.39 -11.08 13.40
CA SER D 77 3.29 -11.79 14.69
C SER D 77 4.66 -12.30 15.10
N VAL D 78 5.03 -12.03 16.35
CA VAL D 78 6.35 -12.38 16.87
C VAL D 78 6.17 -13.11 18.20
N LEU D 79 6.86 -14.23 18.34
CA LEU D 79 6.84 -14.95 19.60
C LEU D 79 7.73 -14.21 20.61
N ARG D 80 7.41 -14.39 21.88
CA ARG D 80 8.10 -13.69 22.95
C ARG D 80 9.63 -13.86 22.91
N GLY D 81 10.08 -15.08 22.60
CA GLY D 81 11.50 -15.43 22.61
C GLY D 81 12.26 -14.77 21.47
N LYS D 82 11.52 -14.17 20.54
CA LYS D 82 12.12 -13.46 19.40
C LYS D 82 11.95 -11.95 19.47
N LEU D 83 11.22 -11.47 20.48
CA LEU D 83 10.95 -10.03 20.59
C LEU D 83 12.24 -9.21 20.71
N GLN D 84 13.18 -9.72 21.50
CA GLN D 84 14.45 -9.02 21.66
C GLN D 84 15.26 -9.01 20.36
N LEU D 85 15.09 -10.05 19.53
CA LEU D 85 15.77 -10.11 18.23
C LEU D 85 15.31 -8.97 17.31
N VAL D 86 13.99 -8.75 17.26
CA VAL D 86 13.42 -7.62 16.54
C VAL D 86 13.98 -6.29 17.04
N GLY D 87 14.01 -6.13 18.37
CA GLY D 87 14.51 -4.93 19.02
C GLY D 87 15.97 -4.66 18.71
N THR D 88 16.78 -5.73 18.74
CA THR D 88 18.20 -5.61 18.42
C THR D 88 18.46 -5.19 16.96
N ALA D 89 17.75 -5.82 16.03
CA ALA D 89 17.85 -5.45 14.62
C ALA D 89 17.37 -4.03 14.37
N ALA D 90 16.29 -3.62 15.05
CA ALA D 90 15.75 -2.24 14.92
C ALA D 90 16.77 -1.20 15.37
N MET D 91 17.43 -1.46 16.49
CA MET D 91 18.47 -0.57 17.01
C MET D 91 19.67 -0.50 16.06
N LEU D 92 20.05 -1.65 15.49
CA LEU D 92 21.11 -1.70 14.49
C LEU D 92 20.78 -0.82 13.28
N LEU D 93 19.56 -0.98 12.75
CA LEU D 93 19.11 -0.20 11.61
C LEU D 93 19.04 1.29 11.91
N ALA D 94 18.51 1.65 13.08
CA ALA D 94 18.42 3.06 13.47
C ALA D 94 19.82 3.67 13.61
N SER D 95 20.77 2.89 14.12
CA SER D 95 22.16 3.30 14.26
C SER D 95 22.79 3.55 12.89
N LYS D 96 22.59 2.60 11.96
CA LYS D 96 23.09 2.76 10.59
C LYS D 96 22.49 4.00 9.94
N PHE D 97 21.21 4.26 10.20
CA PHE D 97 20.53 5.41 9.60
C PHE D 97 21.04 6.72 10.22
N GLU D 98 21.11 6.75 11.55
CA GLU D 98 21.29 8.02 12.27
C GLU D 98 22.72 8.33 12.76
N GLU D 99 23.51 7.32 13.12
CA GLU D 99 24.81 7.55 13.80
C GLU D 99 25.95 7.82 12.83
N ILE D 100 26.82 8.78 13.17
CA ILE D 100 28.07 8.94 12.42
C ILE D 100 28.89 7.64 12.51
N TYR D 101 28.99 7.09 13.72
CA TYR D 101 29.79 5.89 13.99
C TYR D 101 28.91 4.85 14.67
N PRO D 102 28.09 4.12 13.90
CA PRO D 102 27.25 3.12 14.57
C PRO D 102 28.09 2.00 15.19
N PRO D 103 27.59 1.35 16.26
CA PRO D 103 28.32 0.17 16.75
C PRO D 103 28.35 -0.92 15.68
N GLU D 104 29.37 -1.77 15.72
CA GLU D 104 29.43 -2.87 14.76
CA GLU D 104 29.49 -2.91 14.80
C GLU D 104 28.42 -3.95 15.15
N VAL D 105 28.05 -4.78 14.18
CA VAL D 105 27.07 -5.85 14.41
C VAL D 105 27.48 -6.70 15.63
N ALA D 106 28.78 -7.01 15.75
CA ALA D 106 29.28 -7.82 16.89
C ALA D 106 28.87 -7.21 18.23
N GLU D 107 28.80 -5.87 18.27
CA GLU D 107 28.41 -5.16 19.50
C GLU D 107 26.94 -5.38 19.80
N PHE D 108 26.10 -5.44 18.76
CA PHE D 108 24.69 -5.77 18.92
C PHE D 108 24.44 -7.26 19.28
N VAL D 109 25.35 -8.14 18.90
CA VAL D 109 25.23 -9.54 19.32
C VAL D 109 25.60 -9.64 20.80
N TYR D 110 26.68 -8.97 21.17
CA TYR D 110 27.16 -8.95 22.53
C TYR D 110 26.11 -8.49 23.56
N ILE D 111 25.42 -7.39 23.27
CA ILE D 111 24.39 -6.82 24.14
C ILE D 111 23.19 -7.75 24.43
N THR D 112 22.92 -8.70 23.53
CA THR D 112 21.87 -9.69 23.77
C THR D 112 22.42 -10.88 24.57
N ASP D 113 23.68 -10.78 25.01
CA ASP D 113 24.38 -11.90 25.62
C ASP D 113 24.49 -13.07 24.65
N ASP D 114 24.20 -14.23 25.17
CA ASP D 114 24.27 -15.46 24.43
C ASP D 114 23.08 -15.83 23.60
N THR D 115 21.97 -15.15 23.83
CA THR D 115 20.70 -15.36 23.16
C THR D 115 20.65 -15.68 21.66
N TYR D 116 21.02 -14.73 20.86
CA TYR D 116 20.96 -14.89 19.45
C TYR D 116 22.31 -14.98 18.81
N THR D 117 22.38 -15.47 17.60
CA THR D 117 23.63 -15.51 16.85
C THR D 117 23.75 -14.28 15.98
N LYS D 118 24.96 -14.01 15.52
CA LYS D 118 25.18 -12.91 14.59
C LYS D 118 24.36 -13.08 13.30
N LYS D 119 24.25 -14.32 12.82
CA LYS D 119 23.46 -14.59 11.61
C LYS D 119 21.98 -14.28 11.82
N GLN D 120 21.46 -14.57 13.00
CA GLN D 120 20.07 -14.20 13.32
C GLN D 120 19.87 -12.71 13.29
N VAL D 121 20.81 -11.96 13.86
CA VAL D 121 20.72 -10.48 13.87
C VAL D 121 20.70 -9.91 12.45
N LEU D 122 21.60 -10.41 11.61
CA LEU D 122 21.73 -9.97 10.21
C LEU D 122 20.50 -10.35 9.38
N ARG D 123 20.03 -11.58 9.54
CA ARG D 123 18.80 -12.01 8.87
C ARG D 123 17.57 -11.21 9.31
N MET D 124 17.46 -10.94 10.61
CA MET D 124 16.39 -10.07 11.13
C MET D 124 16.51 -8.65 10.58
N GLU D 125 17.73 -8.12 10.52
CA GLU D 125 17.93 -6.80 9.89
C GLU D 125 17.27 -6.70 8.50
N HIS D 126 17.54 -7.67 7.63
CA HIS D 126 16.95 -7.70 6.30
C HIS D 126 15.42 -7.89 6.33
N LEU D 127 14.92 -8.76 7.23
CA LEU D 127 13.46 -8.91 7.39
C LEU D 127 12.76 -7.60 7.77
N VAL D 128 13.32 -6.90 8.75
CA VAL D 128 12.76 -5.60 9.18
C VAL D 128 12.73 -4.60 8.01
N LEU D 129 13.85 -4.49 7.28
CA LEU D 129 13.89 -3.66 6.04
C LEU D 129 12.80 -4.01 5.03
N LYS D 130 12.62 -5.31 4.78
CA LYS D 130 11.59 -5.75 3.87
C LYS D 130 10.19 -5.36 4.36
N VAL D 131 9.92 -5.64 5.64
CA VAL D 131 8.60 -5.37 6.24
C VAL D 131 8.28 -3.87 6.26
N LEU D 132 9.30 -3.05 6.55
CA LEU D 132 9.16 -1.59 6.53
C LEU D 132 9.32 -0.98 5.13
N ALA D 133 9.59 -1.83 4.14
CA ALA D 133 9.83 -1.40 2.76
C ALA D 133 10.91 -0.30 2.67
N PHE D 134 11.97 -0.44 3.48
CA PHE D 134 13.07 0.54 3.58
C PHE D 134 12.65 1.95 3.96
N ASP D 135 11.46 2.12 4.53
CA ASP D 135 11.00 3.48 4.85
C ASP D 135 11.44 3.82 6.26
N LEU D 136 12.67 4.29 6.42
CA LEU D 136 13.28 4.44 7.74
C LEU D 136 13.40 5.88 8.22
N ALA D 137 13.08 6.83 7.35
CA ALA D 137 13.18 8.26 7.71
C ALA D 137 11.90 8.73 8.40
N ALA D 138 11.67 8.22 9.61
CA ALA D 138 10.45 8.52 10.37
C ALA D 138 10.60 9.75 11.27
N PRO D 139 9.61 10.65 11.24
CA PRO D 139 9.57 11.73 12.24
C PRO D 139 9.47 11.16 13.65
N THR D 140 10.16 11.79 14.59
CA THR D 140 10.18 11.33 15.97
C THR D 140 9.76 12.49 16.84
N ILE D 141 9.44 12.19 18.10
CA ILE D 141 9.16 13.20 19.13
C ILE D 141 10.32 14.19 19.17
N ASN D 142 11.52 13.63 19.13
CA ASN D 142 12.77 14.37 19.23
C ASN D 142 12.97 15.41 18.11
N GLN D 143 12.58 15.06 16.88
CA GLN D 143 12.62 15.98 15.74
C GLN D 143 11.69 17.19 15.92
N PHE D 144 10.53 16.99 16.52
CA PHE D 144 9.63 18.12 16.80
C PHE D 144 10.12 18.96 17.99
N LEU D 145 10.62 18.29 19.02
CA LEU D 145 11.17 18.98 20.21
C LEU D 145 12.33 19.94 19.91
N THR D 146 13.27 19.54 19.05
CA THR D 146 14.41 20.41 18.69
C THR D 146 13.92 21.67 17.97
N GLN D 147 12.88 21.52 17.15
CA GLN D 147 12.22 22.66 16.53
C GLN D 147 11.52 23.54 17.57
N TYR D 148 10.86 22.92 18.55
CA TYR D 148 10.15 23.68 19.60
C TYR D 148 11.14 24.43 20.50
N PHE D 149 12.30 23.82 20.75
CA PHE D 149 13.33 24.43 21.60
C PHE D 149 13.80 25.80 21.11
N LEU D 150 13.64 26.05 19.80
CA LEU D 150 14.06 27.30 19.19
C LEU D 150 13.15 28.45 19.56
N HIS D 151 11.95 28.14 20.06
CA HIS D 151 10.98 29.16 20.48
C HIS D 151 11.18 29.59 21.94
N GLN D 152 12.20 29.06 22.60
CA GLN D 152 12.61 29.50 23.93
C GLN D 152 13.19 30.92 23.90
N GLN D 153 12.95 31.67 24.98
CA GLN D 153 13.54 33.00 25.16
C GLN D 153 13.84 33.27 26.64
N PRO D 154 15.07 32.97 27.08
CA PRO D 154 16.13 32.34 26.31
C PRO D 154 16.10 30.81 26.45
N ALA D 155 17.08 30.14 25.86
CA ALA D 155 17.22 28.69 25.98
C ALA D 155 17.53 28.28 27.42
N ASN D 156 16.88 27.21 27.87
CA ASN D 156 17.09 26.67 29.19
C ASN D 156 17.40 25.18 29.08
N CYS D 157 18.58 24.78 29.57
CA CYS D 157 19.06 23.39 29.47
C CYS D 157 18.26 22.41 30.29
N LYS D 158 17.79 22.84 31.46
CA LYS D 158 16.93 22.01 32.29
C LYS D 158 15.60 21.74 31.59
N VAL D 159 15.00 22.79 31.02
CA VAL D 159 13.76 22.69 30.25
C VAL D 159 13.93 21.72 29.08
N GLU D 160 15.03 21.85 28.35
CA GLU D 160 15.31 20.98 27.21
C GLU D 160 15.47 19.51 27.62
N SER D 161 16.28 19.27 28.64
CA SER D 161 16.52 17.91 29.14
C SER D 161 15.27 17.26 29.72
N LEU D 162 14.49 18.05 30.47
CA LEU D 162 13.26 17.55 31.08
C LEU D 162 12.24 17.19 30.00
N ALA D 163 12.10 18.05 29.00
CA ALA D 163 11.24 17.76 27.85
C ALA D 163 11.68 16.48 27.13
N MET D 164 12.99 16.31 26.92
CA MET D 164 13.56 15.07 26.36
C MET D 164 13.21 13.85 27.22
N PHE D 165 13.34 14.02 28.54
CA PHE D 165 13.06 12.99 29.54
C PHE D 165 11.61 12.50 29.47
N LEU D 166 10.68 13.45 29.39
CA LEU D 166 9.25 13.16 29.35
C LEU D 166 8.86 12.44 28.05
N GLY D 167 9.33 12.96 26.93
CA GLY D 167 9.13 12.33 25.62
C GLY D 167 9.69 10.93 25.56
N GLU D 168 10.80 10.72 26.26
CA GLU D 168 11.43 9.41 26.31
C GLU D 168 10.59 8.45 27.15
N LEU D 169 10.09 8.91 28.31
CA LEU D 169 9.17 8.12 29.13
C LEU D 169 7.96 7.61 28.35
N SER D 170 7.46 8.40 27.41
CA SER D 170 6.29 8.04 26.62
C SER D 170 6.57 6.81 25.74
N LEU D 171 7.84 6.57 25.39
CA LEU D 171 8.23 5.46 24.51
C LEU D 171 7.97 4.10 25.13
N ILE D 172 8.00 4.05 26.47
CA ILE D 172 7.91 2.81 27.24
C ILE D 172 6.51 2.21 27.23
N ASP D 173 5.49 3.06 27.22
CA ASP D 173 4.11 2.65 27.49
C ASP D 173 3.24 2.80 26.25
N ALA D 174 3.05 1.71 25.50
CA ALA D 174 2.23 1.70 24.28
C ALA D 174 0.79 2.14 24.55
N ASP D 175 0.27 1.72 25.69
CA ASP D 175 -0.97 2.26 26.22
C ASP D 175 -0.58 3.24 27.34
N PRO D 176 -0.85 4.55 27.17
CA PRO D 176 -1.64 5.23 26.13
C PRO D 176 -0.94 5.78 24.89
N TYR D 177 0.40 5.77 24.86
CA TYR D 177 1.09 6.67 23.94
C TYR D 177 1.03 6.35 22.43
N LEU D 178 0.73 5.10 22.08
CA LEU D 178 0.48 4.76 20.66
C LEU D 178 -0.62 5.63 20.04
N LYS D 179 -1.56 6.09 20.86
CA LYS D 179 -2.69 6.94 20.40
C LYS D 179 -2.25 8.32 19.91
N TYR D 180 -1.13 8.81 20.43
CA TYR D 180 -0.68 10.19 20.16
C TYR D 180 0.45 10.27 19.13
N LEU D 181 0.35 11.25 18.23
CA LEU D 181 1.41 11.51 17.24
C LEU D 181 2.66 12.10 17.92
N PRO D 182 3.86 11.83 17.37
CA PRO D 182 5.10 12.43 17.89
C PRO D 182 5.00 13.93 18.14
N SER D 183 4.43 14.68 17.19
CA SER D 183 4.32 16.12 17.33
C SER D 183 3.47 16.51 18.56
N VAL D 184 2.47 15.69 18.87
CA VAL D 184 1.55 15.97 19.98
C VAL D 184 2.22 15.67 21.33
N ILE D 185 2.90 14.52 21.42
CA ILE D 185 3.65 14.16 22.62
C ILE D 185 4.78 15.15 22.88
N ALA D 186 5.51 15.52 21.82
CA ALA D 186 6.55 16.53 21.92
C ALA D 186 6.04 17.85 22.49
N ALA D 187 4.86 18.27 22.02
CA ALA D 187 4.21 19.49 22.49
C ALA D 187 3.81 19.42 23.96
N ALA D 188 3.25 18.29 24.37
CA ALA D 188 2.84 18.10 25.76
C ALA D 188 4.05 18.00 26.69
N ALA D 189 5.12 17.37 26.21
CA ALA D 189 6.37 17.27 26.97
C ALA D 189 7.02 18.64 27.15
N PHE D 190 7.02 19.44 26.08
CA PHE D 190 7.62 20.77 26.10
C PHE D 190 6.89 21.74 27.02
N HIS D 191 5.56 21.74 26.99
CA HIS D 191 4.76 22.53 27.93
C HIS D 191 4.93 22.07 29.36
N LEU D 192 4.88 20.76 29.59
CA LEU D 192 5.03 20.19 30.93
C LEU D 192 6.42 20.49 31.51
N ALA D 193 7.46 20.42 30.69
CA ALA D 193 8.82 20.74 31.13
C ALA D 193 8.99 22.24 31.38
N LEU D 194 8.45 23.05 30.48
CA LEU D 194 8.47 24.50 30.62
C LEU D 194 7.75 24.95 31.91
N TYR D 195 6.57 24.37 32.17
CA TYR D 195 5.80 24.69 33.37
C TYR D 195 6.52 24.25 34.65
N THR D 196 7.08 23.04 34.64
CA THR D 196 7.80 22.50 35.79
C THR D 196 9.03 23.32 36.19
N VAL D 197 9.80 23.76 35.20
CA VAL D 197 11.06 24.47 35.48
C VAL D 197 10.85 25.97 35.69
N THR D 198 10.19 26.63 34.74
CA THR D 198 10.12 28.10 34.72
C THR D 198 8.75 28.67 35.09
N GLY D 199 7.72 27.83 35.09
CA GLY D 199 6.35 28.28 35.35
C GLY D 199 5.66 28.84 34.12
N GLN D 200 6.34 28.75 32.98
CA GLN D 200 5.83 29.26 31.70
C GLN D 200 4.98 28.22 30.99
N SER D 201 4.13 28.69 30.07
CA SER D 201 3.27 27.80 29.30
C SER D 201 3.66 27.74 27.82
N TRP D 202 3.25 26.65 27.16
CA TRP D 202 3.28 26.50 25.71
C TRP D 202 3.04 27.86 25.02
N PRO D 203 4.07 28.38 24.32
CA PRO D 203 4.04 29.76 23.82
C PRO D 203 3.16 29.99 22.59
N GLU D 204 2.67 31.22 22.43
CA GLU D 204 1.80 31.60 21.31
C GLU D 204 2.46 31.37 19.95
N SER D 205 3.76 31.65 19.85
CA SER D 205 4.53 31.40 18.61
C SER D 205 4.44 29.95 18.16
N LEU D 206 4.38 29.03 19.13
CA LEU D 206 4.21 27.61 18.85
C LEU D 206 2.75 27.20 18.62
N VAL D 207 1.82 28.00 19.12
CA VAL D 207 0.41 27.81 18.78
C VAL D 207 0.23 28.08 17.27
N GLN D 208 0.85 29.16 16.80
CA GLN D 208 0.79 29.55 15.40
C GLN D 208 1.46 28.54 14.46
N LYS D 209 2.62 28.03 14.88
CA LYS D 209 3.38 27.03 14.10
C LYS D 209 2.64 25.70 13.95
N THR D 210 2.18 25.16 15.08
CA THR D 210 1.64 23.80 15.15
C THR D 210 0.12 23.71 14.97
N GLY D 211 -0.58 24.79 15.29
CA GLY D 211 -2.04 24.76 15.38
C GLY D 211 -2.54 24.06 16.64
N TYR D 212 -1.62 23.67 17.52
CA TYR D 212 -1.96 23.02 18.78
C TYR D 212 -2.11 24.06 19.91
N THR D 213 -3.20 23.92 20.65
CA THR D 213 -3.44 24.73 21.85
C THR D 213 -3.43 23.81 23.07
N LEU D 214 -3.50 24.40 24.26
CA LEU D 214 -3.58 23.64 25.51
C LEU D 214 -4.85 22.79 25.57
N GLU D 215 -5.92 23.29 24.94
CA GLU D 215 -7.17 22.57 24.82
C GLU D 215 -7.01 21.28 24.00
N THR D 216 -6.34 21.38 22.86
CA THR D 216 -6.11 20.22 21.98
C THR D 216 -5.06 19.26 22.56
N LEU D 217 -4.12 19.81 23.31
CA LEU D 217 -3.07 19.01 23.97
C LEU D 217 -3.48 18.41 25.31
N LYS D 218 -4.65 18.81 25.81
CA LYS D 218 -5.12 18.38 27.14
C LYS D 218 -5.10 16.86 27.36
N PRO D 219 -5.72 16.06 26.45
CA PRO D 219 -5.71 14.61 26.67
C PRO D 219 -4.29 14.01 26.83
N CYS D 220 -3.37 14.40 25.96
CA CYS D 220 -1.97 13.95 26.05
C CYS D 220 -1.27 14.52 27.29
N LEU D 221 -1.52 15.79 27.58
CA LEU D 221 -1.02 16.42 28.81
C LEU D 221 -1.41 15.66 30.08
N LEU D 222 -2.69 15.28 30.18
CA LEU D 222 -3.17 14.57 31.37
C LEU D 222 -2.53 13.21 31.51
N ASP D 223 -2.36 12.52 30.39
CA ASP D 223 -1.66 11.24 30.38
C ASP D 223 -0.20 11.39 30.81
N LEU D 224 0.49 12.36 30.19
CA LEU D 224 1.92 12.57 30.44
C LEU D 224 2.17 13.04 31.87
N HIS D 225 1.24 13.85 32.38
CA HIS D 225 1.30 14.29 33.77
C HIS D 225 1.28 13.10 34.73
N GLN D 226 0.32 12.18 34.53
CA GLN D 226 0.21 10.96 35.34
C GLN D 226 1.46 10.11 35.25
N THR D 227 1.98 9.95 34.04
CA THR D 227 3.18 9.17 33.78
C THR D 227 4.37 9.75 34.55
N TYR D 228 4.50 11.08 34.52
CA TYR D 228 5.54 11.81 35.23
C TYR D 228 5.42 11.63 36.76
N LEU D 229 4.22 11.83 37.30
CA LEU D 229 3.96 11.62 38.73
C LEU D 229 4.24 10.17 39.18
N ARG D 230 4.00 9.22 38.30
CA ARG D 230 4.13 7.79 38.64
C ARG D 230 5.50 7.17 38.32
N ALA D 231 6.36 7.96 37.68
CA ALA D 231 7.67 7.50 37.20
C ALA D 231 8.52 6.72 38.22
N PRO D 232 8.65 7.22 39.48
CA PRO D 232 9.44 6.49 40.49
C PRO D 232 8.98 5.06 40.84
N GLN D 233 7.72 4.70 40.56
CA GLN D 233 7.23 3.35 40.85
C GLN D 233 7.08 2.44 39.66
N HIS D 234 7.21 3.01 38.46
CA HIS D 234 7.18 2.23 37.22
C HIS D 234 8.19 1.08 37.32
N ALA D 235 7.80 -0.10 36.85
CA ALA D 235 8.70 -1.26 36.79
C ALA D 235 9.97 -0.96 36.02
N GLN D 236 9.88 -0.08 35.02
CA GLN D 236 11.02 0.26 34.17
C GLN D 236 11.66 1.56 34.63
N GLN D 237 12.96 1.51 34.90
CA GLN D 237 13.67 2.60 35.57
C GLN D 237 14.91 3.16 34.84
N SER D 238 15.18 2.70 33.62
CA SER D 238 16.42 3.08 32.93
C SER D 238 16.44 4.55 32.52
N ILE D 239 15.28 5.07 32.13
CA ILE D 239 15.19 6.46 31.70
C ILE D 239 15.42 7.44 32.85
N ARG D 240 14.79 7.16 33.99
CA ARG D 240 15.03 7.94 35.22
C ARG D 240 16.51 7.91 35.62
N GLU D 241 17.11 6.72 35.60
CA GLU D 241 18.53 6.55 35.92
C GLU D 241 19.44 7.34 34.97
N LYS D 242 19.10 7.28 33.68
CA LYS D 242 19.81 7.99 32.63
C LYS D 242 19.82 9.51 32.88
N TYR D 243 18.63 10.06 33.15
CA TYR D 243 18.44 11.51 33.30
C TYR D 243 18.78 12.06 34.71
N LYS D 244 19.43 11.25 35.53
CA LYS D 244 20.03 11.71 36.78
C LYS D 244 21.44 12.26 36.53
N ASN D 245 22.01 11.87 35.39
CA ASN D 245 23.34 12.30 34.92
C ASN D 245 23.43 13.81 34.75
N SER D 246 24.60 14.37 35.05
CA SER D 246 24.87 15.79 34.88
C SER D 246 24.82 16.20 33.41
N LYS D 247 25.07 15.22 32.54
CA LYS D 247 24.89 15.37 31.09
C LYS D 247 23.47 15.85 30.79
N TYR D 248 22.50 15.34 31.54
CA TYR D 248 21.11 15.76 31.38
C TYR D 248 20.62 16.63 32.53
N HIS D 249 21.58 17.26 33.23
CA HIS D 249 21.32 18.26 34.27
C HIS D 249 20.47 17.74 35.43
N GLY D 250 20.50 16.42 35.63
CA GLY D 250 19.82 15.75 36.74
C GLY D 250 18.32 15.94 36.81
N VAL D 251 17.69 16.21 35.67
CA VAL D 251 16.28 16.59 35.62
C VAL D 251 15.29 15.54 36.12
N SER D 252 15.68 14.27 36.11
CA SER D 252 14.79 13.23 36.63
C SER D 252 14.70 13.24 38.17
N LEU D 253 15.62 13.97 38.81
CA LEU D 253 15.59 14.19 40.28
C LEU D 253 14.71 15.37 40.70
N LEU D 254 14.23 16.14 39.73
CA LEU D 254 13.28 17.22 39.97
C LEU D 254 11.91 16.67 40.37
N ASN D 255 11.15 17.47 41.13
CA ASN D 255 9.81 17.06 41.53
C ASN D 255 8.78 17.56 40.52
N PRO D 256 7.86 16.67 40.12
CA PRO D 256 6.75 17.03 39.24
C PRO D 256 5.71 17.91 39.95
N PRO D 257 5.10 18.86 39.23
CA PRO D 257 4.03 19.67 39.81
C PRO D 257 2.83 18.81 40.19
N GLU D 258 2.18 19.13 41.31
CA GLU D 258 1.01 18.38 41.77
C GLU D 258 -0.19 18.62 40.86
N THR D 259 -0.28 19.83 40.31
CA THR D 259 -1.39 20.23 39.44
C THR D 259 -0.85 20.98 38.22
N LEU D 260 -1.66 21.04 37.18
CA LEU D 260 -1.31 21.78 35.95
C LEU D 260 -1.98 23.14 35.89
N ASN D 261 -3.20 23.21 36.37
CA ASN D 261 -4.03 24.42 36.30
C ASN D 261 -4.32 24.72 34.83
N VAL D 262 -5.17 23.93 34.20
CA VAL D 262 -5.52 24.09 32.77
C VAL D 262 -6.84 24.77 32.44
C2 MFR E . -4.51 -25.91 7.84
C3 MFR E . -4.06 -25.15 8.93
C1 MFR E . -4.93 -25.32 6.63
C11 MFR E . -5.83 -22.85 4.27
N6 MFR E . -7.37 -20.29 2.25
C12 MFR E . -6.89 -21.52 2.61
N7 MFR E . -7.00 -22.60 1.78
C13 MFR E . -6.53 -23.81 2.17
C14 MFR E . -5.89 -23.96 3.40
N5 MFR E . -6.28 -21.65 3.80
C9 MFR E . -5.09 -22.85 5.57
C8 MFR E . -4.84 -21.54 6.28
N2 MFR E . -4.38 -21.81 7.53
C10 MFR E . -4.90 -23.84 6.60
O1 MFR E . -5.37 -26.05 5.55
C15 MFR E . -5.39 -27.48 5.54
C4 MFR E . -4.37 -23.14 7.78
N1 MFR E . -3.98 -23.80 8.90
MG MG F . 3.84 10.09 -23.63
C1 SGM G . -5.84 -1.55 -5.32
C2 SGM G . -5.85 -2.28 -3.97
O2 SGM G . -7.03 -3.07 -3.81
C3 SGM G . -5.75 -1.27 -2.84
O3 SGM G . -6.01 -1.95 -1.60
S1 SGM G . -7.05 -2.20 -6.51
C1 SGM H . -33.73 -5.51 -17.87
C2 SGM H . -34.05 -5.42 -16.37
O2 SGM H . -35.25 -4.66 -16.16
C3 SGM H . -32.88 -4.76 -15.64
O3 SGM H . -31.91 -5.75 -15.28
S1 SGM H . -33.74 -3.92 -18.74
C2 MFR I . 24.00 6.18 -15.34
C3 MFR I . 22.87 6.36 -16.16
C1 MFR I . 23.92 6.04 -13.96
C11 MFR I . 22.46 6.13 -10.65
N6 MFR I . 21.22 7.14 -7.45
C12 MFR I . 22.08 6.66 -8.39
N7 MFR I . 23.34 6.29 -8.06
C13 MFR I . 24.19 5.81 -8.99
C14 MFR I . 23.76 5.71 -10.31
N5 MFR I . 21.65 6.57 -9.66
C9 MFR I . 21.96 5.95 -12.07
C8 MFR I . 20.48 6.19 -12.30
N2 MFR I . 20.27 6.33 -13.64
C10 MFR I . 22.55 6.15 -13.39
O1 MFR I . 25.04 5.86 -13.17
C15 MFR I . 26.34 5.64 -13.73
C4 MFR I . 21.43 6.31 -14.33
N1 MFR I . 21.62 6.41 -15.67
MG MG J . -1.15 -9.69 22.95
C1 SGM K . 7.46 6.28 5.44
C2 SGM K . 5.98 6.16 5.09
O2 SGM K . 5.50 4.84 5.38
C3 SGM K . 5.80 6.41 3.60
O3 SGM K . 4.44 6.16 3.24
S1 SGM K . 7.83 5.81 7.17
#